data_3BBF
#
_entry.id   3BBF
#
_cell.length_a   69.750
_cell.length_b   86.780
_cell.length_c   159.120
_cell.angle_alpha   90.00
_cell.angle_beta   90.00
_cell.angle_gamma   90.00
#
_symmetry.space_group_name_H-M   'P 21 21 21'
#
loop_
_entity.id
_entity.type
_entity.pdbx_description
1 polymer 'Nucleoside diphosphate kinase B'
2 non-polymer "GUANOSINE-5'-DIPHOSPHATE"
3 non-polymer 'MAGNESIUM ION'
4 non-polymer 2,3-DIHYDROXY-1,4-DITHIOBUTANE
5 water water
#
_entity_poly.entity_id   1
_entity_poly.type   'polypeptide(L)'
_entity_poly.pdbx_seq_one_letter_code
;ANLERTFIAIKPDGVQRGLVGEIIKRFEQKGFRLVAMKFLRASEEHLKQHYIDLKDRPFFPGLVKYMNSGPVVAMVWEGL
NVVKTGRVMLGETNPADSKPGTIRGDFCIQVGRNIIHGSDSVKSAEKEISLWFKPEELVDYKSCAHDWVYE
;
_entity_poly.pdbx_strand_id   A,B,C,D,E,F
#
loop_
_chem_comp.id
_chem_comp.type
_chem_comp.name
_chem_comp.formula
DTT non-polymer 2,3-DIHYDROXY-1,4-DITHIOBUTANE 'C4 H10 O2 S2'
GDP RNA linking GUANOSINE-5'-DIPHOSPHATE 'C10 H15 N5 O11 P2'
MG non-polymer 'MAGNESIUM ION' 'Mg 2'
#
# COMPACT_ATOMS: atom_id res chain seq x y z
N ALA A 1 -18.72 7.55 -25.95
CA ALA A 1 -17.37 6.91 -25.99
C ALA A 1 -17.09 6.04 -24.77
N ASN A 2 -18.10 5.90 -23.87
CA ASN A 2 -17.93 5.06 -22.65
C ASN A 2 -17.62 3.59 -22.91
N LEU A 3 -17.83 3.11 -24.15
CA LEU A 3 -17.59 1.69 -24.45
CA LEU A 3 -17.60 1.70 -24.46
C LEU A 3 -16.29 1.49 -25.23
N GLU A 4 -15.43 2.52 -25.23
CA GLU A 4 -14.14 2.39 -25.85
C GLU A 4 -13.39 1.26 -25.12
N ARG A 5 -12.58 0.52 -25.87
CA ARG A 5 -11.73 -0.54 -25.31
C ARG A 5 -10.28 -0.36 -25.71
N THR A 6 -9.40 -0.86 -24.84
CA THR A 6 -7.99 -1.00 -25.18
C THR A 6 -7.48 -2.40 -24.79
N PHE A 7 -6.41 -2.79 -25.45
CA PHE A 7 -5.62 -4.00 -25.20
C PHE A 7 -4.38 -3.65 -24.37
N ILE A 8 -4.27 -4.30 -23.21
CA ILE A 8 -3.12 -4.13 -22.29
C ILE A 8 -2.50 -5.50 -22.12
N ALA A 9 -1.18 -5.60 -22.25
CA ALA A 9 -0.48 -6.87 -22.00
C ALA A 9 0.64 -6.58 -21.01
N ILE A 10 0.70 -7.42 -19.98
CA ILE A 10 1.85 -7.38 -19.09
C ILE A 10 2.89 -8.29 -19.73
N LYS A 11 4.01 -7.66 -20.03
CA LYS A 11 5.13 -8.30 -20.75
C LYS A 11 5.86 -9.31 -19.84
N PRO A 12 6.71 -10.20 -20.43
CA PRO A 12 7.24 -11.25 -19.52
C PRO A 12 8.05 -10.76 -18.30
N ASP A 13 8.77 -9.65 -18.46
CA ASP A 13 9.48 -8.99 -17.34
C ASP A 13 8.52 -8.57 -16.23
N GLY A 14 7.34 -8.06 -16.60
CA GLY A 14 6.32 -7.69 -15.59
C GLY A 14 5.85 -8.91 -14.83
N VAL A 15 5.65 -10.02 -15.55
CA VAL A 15 5.19 -11.26 -14.88
C VAL A 15 6.31 -11.76 -13.91
N GLN A 16 7.54 -11.81 -14.40
CA GLN A 16 8.66 -12.38 -13.64
C GLN A 16 9.03 -11.52 -12.44
N ARG A 17 8.80 -10.21 -12.53
CA ARG A 17 9.12 -9.29 -11.45
C ARG A 17 7.96 -9.09 -10.47
N GLY A 18 6.90 -9.90 -10.66
CA GLY A 18 5.82 -9.99 -9.73
C GLY A 18 4.95 -8.75 -9.63
N LEU A 19 4.62 -8.16 -10.77
CA LEU A 19 3.87 -6.91 -10.92
C LEU A 19 2.45 -7.09 -11.49
N VAL A 20 2.00 -8.35 -11.60
CA VAL A 20 0.68 -8.58 -12.21
C VAL A 20 -0.45 -7.95 -11.37
N GLY A 21 -0.50 -8.25 -10.09
CA GLY A 21 -1.53 -7.70 -9.19
C GLY A 21 -1.50 -6.19 -9.07
N GLU A 22 -0.28 -5.67 -8.96
CA GLU A 22 -0.06 -4.24 -8.89
C GLU A 22 -0.65 -3.56 -10.13
N ILE A 23 -0.31 -4.04 -11.31
CA ILE A 23 -0.83 -3.46 -12.57
C ILE A 23 -2.34 -3.55 -12.69
N ILE A 24 -2.89 -4.73 -12.45
CA ILE A 24 -4.35 -4.92 -12.54
C ILE A 24 -5.07 -3.96 -11.56
N LYS A 25 -4.55 -3.84 -10.33
CA LYS A 25 -5.14 -2.94 -9.33
C LYS A 25 -5.24 -1.49 -9.84
N ARG A 26 -4.20 -1.01 -10.53
CA ARG A 26 -4.22 0.36 -11.04
C ARG A 26 -5.35 0.59 -12.05
N PHE A 27 -5.62 -0.44 -12.87
CA PHE A 27 -6.72 -0.34 -13.85
C PHE A 27 -8.07 -0.41 -13.13
N GLU A 28 -8.15 -1.34 -12.17
CA GLU A 28 -9.37 -1.50 -11.39
C GLU A 28 -9.78 -0.26 -10.64
N GLN A 29 -8.80 0.28 -9.92
N GLN A 29 -8.83 0.32 -9.93
CA GLN A 29 -8.96 1.44 -9.04
CA GLN A 29 -9.14 1.43 -9.04
C GLN A 29 -9.42 2.66 -9.82
C GLN A 29 -9.42 2.69 -9.83
N LYS A 30 -8.94 2.76 -11.07
CA LYS A 30 -9.26 3.89 -11.97
C LYS A 30 -10.73 3.90 -12.43
N GLY A 31 -11.37 2.73 -12.41
CA GLY A 31 -12.79 2.63 -12.77
C GLY A 31 -13.04 1.96 -14.10
N PHE A 32 -11.98 1.47 -14.76
CA PHE A 32 -12.16 0.75 -16.01
C PHE A 32 -12.70 -0.68 -15.74
N ARG A 33 -13.50 -1.21 -16.69
CA ARG A 33 -14.09 -2.56 -16.57
C ARG A 33 -13.21 -3.59 -17.28
N LEU A 34 -12.78 -4.62 -16.55
CA LEU A 34 -12.03 -5.74 -17.14
C LEU A 34 -13.00 -6.54 -18.02
N VAL A 35 -12.72 -6.60 -19.30
CA VAL A 35 -13.55 -7.33 -20.28
C VAL A 35 -13.07 -8.78 -20.58
N ALA A 36 -11.76 -8.98 -20.59
CA ALA A 36 -11.19 -10.24 -21.04
C ALA A 36 -9.82 -10.29 -20.43
N MET A 37 -9.43 -11.48 -20.06
CA MET A 37 -8.08 -11.70 -19.54
C MET A 37 -7.66 -13.15 -19.74
N LYS A 38 -6.43 -13.35 -20.19
CA LYS A 38 -5.83 -14.68 -20.24
C LYS A 38 -4.33 -14.57 -20.08
N PHE A 39 -3.71 -15.73 -19.84
CA PHE A 39 -2.29 -15.83 -19.54
C PHE A 39 -1.73 -16.91 -20.46
N LEU A 40 -0.70 -16.56 -21.22
CA LEU A 40 -0.11 -17.45 -22.19
C LEU A 40 1.30 -17.06 -22.60
N ARG A 41 2.02 -18.04 -23.14
CA ARG A 41 3.23 -17.76 -23.89
C ARG A 41 2.80 -17.55 -25.33
N ALA A 42 2.85 -16.31 -25.77
CA ALA A 42 2.52 -15.94 -27.15
C ALA A 42 3.63 -16.42 -28.09
N SER A 43 3.23 -17.01 -29.23
CA SER A 43 4.23 -17.51 -30.19
C SER A 43 4.96 -16.37 -30.90
N GLU A 44 6.16 -16.65 -31.38
CA GLU A 44 6.92 -15.70 -32.18
C GLU A 44 6.07 -15.17 -33.36
N GLU A 45 5.32 -16.05 -34.02
CA GLU A 45 4.49 -15.60 -35.15
C GLU A 45 3.36 -14.63 -34.74
N HIS A 46 2.70 -14.96 -33.65
CA HIS A 46 1.64 -14.14 -33.07
C HIS A 46 2.22 -12.75 -32.72
N LEU A 47 3.42 -12.74 -32.14
CA LEU A 47 4.06 -11.47 -31.75
C LEU A 47 4.54 -10.66 -32.94
N LYS A 48 4.99 -11.33 -34.01
CA LYS A 48 5.37 -10.66 -35.26
C LYS A 48 4.15 -9.95 -35.86
N GLN A 49 2.97 -10.56 -35.78
CA GLN A 49 1.73 -9.90 -36.21
C GLN A 49 1.35 -8.70 -35.31
N HIS A 50 1.48 -8.89 -34.01
CA HIS A 50 1.23 -7.82 -33.02
C HIS A 50 2.08 -6.60 -33.33
N TYR A 51 3.37 -6.83 -33.57
CA TYR A 51 4.31 -5.75 -33.82
C TYR A 51 4.64 -5.55 -35.30
N ILE A 52 3.73 -5.97 -36.20
CA ILE A 52 4.03 -5.94 -37.65
C ILE A 52 4.53 -4.55 -38.14
N ASP A 53 4.03 -3.46 -37.57
CA ASP A 53 4.48 -2.15 -38.01
C ASP A 53 5.98 -1.84 -37.71
N LEU A 54 6.58 -2.62 -36.81
CA LEU A 54 7.96 -2.40 -36.39
C LEU A 54 8.90 -3.39 -37.07
N LYS A 55 8.37 -4.20 -38.00
CA LYS A 55 9.09 -5.36 -38.51
C LYS A 55 10.47 -5.04 -39.10
N ASP A 56 10.67 -3.82 -39.59
CA ASP A 56 11.94 -3.39 -40.19
C ASP A 56 12.90 -2.76 -39.20
N ARG A 57 12.46 -2.55 -37.95
CA ARG A 57 13.27 -1.86 -36.92
C ARG A 57 14.38 -2.78 -36.38
N PRO A 58 15.59 -2.22 -36.15
CA PRO A 58 16.70 -3.07 -35.71
C PRO A 58 16.43 -3.90 -34.44
N PHE A 59 15.54 -3.40 -33.56
CA PHE A 59 15.24 -4.09 -32.31
C PHE A 59 14.11 -5.15 -32.45
N PHE A 60 13.47 -5.19 -33.61
CA PHE A 60 12.33 -6.09 -33.84
C PHE A 60 12.58 -7.57 -33.51
N PRO A 61 13.67 -8.16 -34.05
CA PRO A 61 13.90 -9.59 -33.75
C PRO A 61 14.02 -9.89 -32.24
N GLY A 62 14.80 -9.07 -31.54
CA GLY A 62 14.97 -9.22 -30.09
C GLY A 62 13.72 -8.95 -29.29
N LEU A 63 12.89 -8.03 -29.79
CA LEU A 63 11.60 -7.73 -29.18
C LEU A 63 10.66 -8.95 -29.17
N VAL A 64 10.53 -9.57 -30.34
CA VAL A 64 9.72 -10.76 -30.49
C VAL A 64 10.30 -11.89 -29.58
N LYS A 65 11.62 -12.07 -29.59
CA LYS A 65 12.25 -13.09 -28.77
C LYS A 65 11.97 -12.86 -27.28
N TYR A 66 12.20 -11.64 -26.81
CA TYR A 66 11.91 -11.29 -25.41
C TYR A 66 10.43 -11.48 -25.06
N MET A 67 9.53 -11.10 -25.96
CA MET A 67 8.09 -11.17 -25.67
C MET A 67 7.64 -12.65 -25.66
N ASN A 68 8.46 -13.54 -26.21
CA ASN A 68 8.17 -14.97 -26.24
C ASN A 68 8.93 -15.71 -25.13
N SER A 69 9.74 -14.98 -24.37
CA SER A 69 10.72 -15.58 -23.41
C SER A 69 10.08 -16.01 -22.08
N GLY A 70 8.82 -15.64 -21.91
CA GLY A 70 8.05 -15.97 -20.72
C GLY A 70 6.58 -15.70 -21.05
N PRO A 71 5.66 -16.14 -20.16
CA PRO A 71 4.26 -15.81 -20.40
C PRO A 71 3.95 -14.33 -20.27
N VAL A 72 2.89 -13.91 -20.95
CA VAL A 72 2.29 -12.57 -20.77
C VAL A 72 0.85 -12.68 -20.20
N VAL A 73 0.39 -11.59 -19.58
CA VAL A 73 -1.02 -11.44 -19.23
C VAL A 73 -1.67 -10.49 -20.25
N ALA A 74 -2.58 -11.03 -21.02
CA ALA A 74 -3.29 -10.31 -22.05
C ALA A 74 -4.64 -9.87 -21.50
N MET A 75 -5.02 -8.62 -21.76
CA MET A 75 -6.24 -8.06 -21.17
C MET A 75 -6.98 -7.09 -22.09
N VAL A 76 -8.30 -7.02 -21.95
CA VAL A 76 -9.07 -5.96 -22.60
C VAL A 76 -9.76 -5.17 -21.51
N TRP A 77 -9.59 -3.84 -21.55
CA TRP A 77 -10.17 -2.93 -20.56
C TRP A 77 -11.08 -1.96 -21.32
N GLU A 78 -12.19 -1.61 -20.69
CA GLU A 78 -13.21 -0.73 -21.26
C GLU A 78 -13.41 0.51 -20.42
N GLY A 79 -13.58 1.64 -21.08
CA GLY A 79 -14.06 2.83 -20.39
C GLY A 79 -13.86 4.07 -21.27
N LEU A 80 -14.49 5.15 -20.88
CA LEU A 80 -14.29 6.42 -21.57
C LEU A 80 -12.80 6.75 -21.64
N ASN A 81 -12.36 7.09 -22.85
CA ASN A 81 -10.95 7.38 -23.21
C ASN A 81 -9.88 6.41 -22.72
N VAL A 82 -10.29 5.16 -22.59
CA VAL A 82 -9.40 4.16 -21.98
C VAL A 82 -8.09 3.98 -22.78
N VAL A 83 -8.09 4.24 -24.11
CA VAL A 83 -6.87 4.09 -24.91
C VAL A 83 -5.85 5.17 -24.50
N LYS A 84 -6.25 6.43 -24.58
CA LYS A 84 -5.35 7.57 -24.29
CA LYS A 84 -5.31 7.53 -24.29
C LYS A 84 -4.93 7.59 -22.81
N THR A 85 -5.92 7.39 -21.91
CA THR A 85 -5.74 7.40 -20.45
C THR A 85 -4.86 6.22 -20.04
N GLY A 86 -5.11 5.05 -20.64
CA GLY A 86 -4.24 3.87 -20.48
C GLY A 86 -2.79 4.16 -20.83
N ARG A 87 -2.57 4.85 -21.94
CA ARG A 87 -1.21 5.21 -22.36
C ARG A 87 -0.56 6.09 -21.31
N VAL A 88 -1.30 7.11 -20.87
CA VAL A 88 -0.79 8.04 -19.83
C VAL A 88 -0.42 7.24 -18.56
N MET A 89 -1.30 6.32 -18.14
CA MET A 89 -1.05 5.44 -16.98
C MET A 89 0.24 4.59 -17.08
N LEU A 90 0.57 4.13 -18.28
CA LEU A 90 1.77 3.33 -18.55
C LEU A 90 3.03 4.19 -18.38
N GLY A 91 2.97 5.41 -18.89
CA GLY A 91 4.09 6.31 -18.98
C GLY A 91 4.40 6.67 -20.43
N GLU A 92 5.68 6.82 -20.73
CA GLU A 92 6.19 6.93 -22.09
C GLU A 92 6.81 5.57 -22.47
N THR A 93 7.03 5.36 -23.77
CA THR A 93 7.63 4.13 -24.30
C THR A 93 8.91 3.88 -23.55
N ASN A 94 9.72 4.92 -23.46
CA ASN A 94 10.95 4.86 -22.68
C ASN A 94 10.69 5.10 -21.16
N PRO A 95 10.95 4.08 -20.30
CA PRO A 95 10.88 4.28 -18.84
C PRO A 95 11.66 5.52 -18.36
N ALA A 96 12.79 5.84 -19.02
CA ALA A 96 13.69 6.94 -18.62
C ALA A 96 12.96 8.29 -18.67
N ASP A 97 11.93 8.38 -19.49
CA ASP A 97 11.10 9.57 -19.61
C ASP A 97 9.72 9.44 -18.94
N SER A 98 9.47 8.34 -18.24
CA SER A 98 8.16 8.12 -17.66
C SER A 98 8.16 8.70 -16.24
N LYS A 99 7.11 9.43 -15.92
CA LYS A 99 6.98 10.14 -14.67
C LYS A 99 6.69 9.22 -13.48
N PRO A 100 7.24 9.54 -12.31
CA PRO A 100 6.85 8.84 -11.11
C PRO A 100 5.30 8.87 -10.98
N GLY A 101 4.69 7.74 -10.59
CA GLY A 101 3.24 7.59 -10.54
C GLY A 101 2.65 6.80 -11.69
N THR A 102 3.39 6.77 -12.80
CA THR A 102 3.09 5.89 -13.95
C THR A 102 3.69 4.48 -13.70
N ILE A 103 3.20 3.52 -14.47
CA ILE A 103 3.61 2.14 -14.25
C ILE A 103 5.10 1.99 -14.58
N ARG A 104 5.50 2.50 -15.73
CA ARG A 104 6.90 2.45 -16.12
C ARG A 104 7.77 3.38 -15.23
N GLY A 105 7.26 4.56 -14.91
CA GLY A 105 7.96 5.50 -14.01
C GLY A 105 8.26 4.86 -12.65
N ASP A 106 7.31 4.11 -12.12
CA ASP A 106 7.46 3.49 -10.82
C ASP A 106 8.32 2.22 -10.87
N PHE A 107 8.28 1.46 -11.97
CA PHE A 107 8.76 0.08 -11.89
C PHE A 107 9.84 -0.35 -12.85
N CYS A 108 10.20 0.46 -13.84
CA CYS A 108 11.26 -0.03 -14.75
C CYS A 108 12.20 1.07 -15.26
N ILE A 109 13.20 0.66 -16.03
CA ILE A 109 14.35 1.50 -16.31
C ILE A 109 14.74 1.62 -17.79
N GLN A 110 14.67 0.51 -18.53
CA GLN A 110 15.23 0.46 -19.85
C GLN A 110 14.13 0.10 -20.86
N VAL A 111 14.19 0.71 -22.05
CA VAL A 111 13.10 0.58 -23.06
C VAL A 111 12.90 -0.87 -23.49
N GLY A 112 14.01 -1.61 -23.60
CA GLY A 112 13.94 -3.06 -23.91
C GLY A 112 13.29 -3.97 -22.86
N ARG A 113 13.06 -3.48 -21.63
CA ARG A 113 12.38 -4.20 -20.56
C ARG A 113 11.38 -3.22 -19.92
N ASN A 114 10.33 -2.89 -20.68
CA ASN A 114 9.41 -1.81 -20.24
C ASN A 114 8.01 -2.30 -19.74
N ILE A 115 8.00 -3.57 -19.31
CA ILE A 115 6.99 -4.29 -18.46
C ILE A 115 5.55 -4.44 -18.98
N ILE A 116 5.16 -3.58 -19.91
CA ILE A 116 3.74 -3.48 -20.30
C ILE A 116 3.59 -2.95 -21.73
N HIS A 117 2.50 -3.34 -22.37
CA HIS A 117 2.02 -2.79 -23.63
C HIS A 117 0.60 -2.24 -23.45
N GLY A 118 0.29 -1.13 -24.10
CA GLY A 118 -1.08 -0.68 -24.27
C GLY A 118 -1.28 -0.12 -25.68
N SER A 119 -2.45 -0.37 -26.25
CA SER A 119 -2.71 0.09 -27.61
C SER A 119 -2.49 1.61 -27.70
N ASP A 120 -1.86 2.05 -28.79
CA ASP A 120 -1.58 3.49 -29.04
C ASP A 120 -2.76 4.35 -29.60
N SER A 121 -3.78 3.66 -30.11
CA SER A 121 -4.94 4.30 -30.75
C SER A 121 -6.12 3.36 -30.74
N VAL A 122 -7.31 3.91 -30.96
CA VAL A 122 -8.52 3.10 -31.10
C VAL A 122 -8.37 2.06 -32.22
N LYS A 123 -7.86 2.47 -33.37
CA LYS A 123 -7.67 1.52 -34.49
C LYS A 123 -6.70 0.38 -34.10
N SER A 124 -5.62 0.75 -33.42
CA SER A 124 -4.66 -0.24 -32.99
C SER A 124 -5.34 -1.18 -31.99
N ALA A 125 -6.16 -0.62 -31.10
CA ALA A 125 -6.84 -1.39 -30.04
C ALA A 125 -7.74 -2.46 -30.66
N GLU A 126 -8.51 -2.04 -31.67
CA GLU A 126 -9.43 -2.99 -32.32
C GLU A 126 -8.67 -4.10 -33.01
N LYS A 127 -7.57 -3.75 -33.68
CA LYS A 127 -6.71 -4.75 -34.33
C LYS A 127 -6.10 -5.73 -33.29
N GLU A 128 -5.54 -5.18 -32.21
CA GLU A 128 -4.93 -6.04 -31.20
C GLU A 128 -5.97 -6.94 -30.49
N ILE A 129 -7.14 -6.39 -30.16
CA ILE A 129 -8.19 -7.10 -29.44
C ILE A 129 -8.56 -8.34 -30.29
N SER A 130 -8.77 -8.11 -31.57
CA SER A 130 -9.12 -9.18 -32.51
C SER A 130 -8.02 -10.23 -32.67
N LEU A 131 -6.77 -9.78 -32.70
CA LEU A 131 -5.61 -10.66 -32.79
C LEU A 131 -5.50 -11.59 -31.59
N TRP A 132 -5.66 -11.05 -30.37
CA TRP A 132 -5.35 -11.77 -29.14
C TRP A 132 -6.54 -12.53 -28.52
N PHE A 133 -7.78 -12.13 -28.82
CA PHE A 133 -8.95 -12.73 -28.18
C PHE A 133 -9.96 -13.28 -29.16
N LYS A 134 -10.57 -14.40 -28.79
CA LYS A 134 -11.79 -14.90 -29.44
C LYS A 134 -13.02 -14.07 -29.01
N PRO A 135 -13.99 -13.88 -29.91
CA PRO A 135 -15.15 -13.07 -29.50
C PRO A 135 -15.80 -13.53 -28.20
N GLU A 136 -15.89 -14.84 -28.02
CA GLU A 136 -16.51 -15.41 -26.83
C GLU A 136 -15.72 -15.12 -25.54
N GLU A 137 -14.47 -14.70 -25.68
CA GLU A 137 -13.63 -14.40 -24.51
C GLU A 137 -13.82 -12.98 -23.94
N LEU A 138 -14.59 -12.14 -24.66
CA LEU A 138 -14.97 -10.80 -24.15
C LEU A 138 -16.26 -10.97 -23.38
N VAL A 139 -16.14 -10.83 -22.07
CA VAL A 139 -17.19 -11.11 -21.13
C VAL A 139 -18.19 -9.96 -21.05
N ASP A 140 -19.47 -10.29 -21.09
CA ASP A 140 -20.54 -9.29 -20.99
C ASP A 140 -21.09 -9.24 -19.58
N TYR A 141 -20.92 -8.09 -18.94
CA TYR A 141 -21.44 -7.83 -17.60
C TYR A 141 -21.38 -6.35 -17.30
N LYS A 142 -22.19 -5.90 -16.35
CA LYS A 142 -22.13 -4.52 -15.86
C LYS A 142 -21.32 -4.37 -14.55
N SER A 143 -20.39 -3.41 -14.52
CA SER A 143 -19.62 -3.08 -13.30
C SER A 143 -20.52 -2.43 -12.23
N CYS A 144 -20.49 -2.93 -11.01
N CYS A 144 -20.44 -2.98 -11.02
CA CYS A 144 -21.30 -2.38 -9.92
CA CYS A 144 -21.01 -2.48 -9.75
C CYS A 144 -21.05 -0.86 -9.73
C CYS A 144 -20.99 -0.94 -9.66
N ALA A 145 -19.80 -0.40 -9.89
CA ALA A 145 -19.47 1.00 -9.65
C ALA A 145 -19.80 1.92 -10.80
N HIS A 146 -20.30 1.39 -11.93
CA HIS A 146 -20.48 2.22 -13.15
C HIS A 146 -21.15 3.56 -12.86
N ASP A 147 -22.26 3.53 -12.14
CA ASP A 147 -23.08 4.77 -11.92
C ASP A 147 -22.43 5.73 -10.91
N TRP A 148 -21.39 5.25 -10.23
CA TRP A 148 -20.55 6.12 -9.41
C TRP A 148 -19.27 6.59 -10.11
N VAL A 149 -18.96 5.98 -11.25
CA VAL A 149 -17.84 6.42 -12.10
C VAL A 149 -18.30 7.30 -13.29
N TYR A 150 -19.53 7.08 -13.75
CA TYR A 150 -20.10 7.77 -14.94
C TYR A 150 -21.41 8.47 -14.61
N GLU A 151 -21.64 9.63 -15.22
CA GLU A 151 -22.93 10.32 -15.22
C GLU A 151 -23.88 9.54 -16.12
N ALA B 1 28.00 -4.41 -17.62
CA ALA B 1 28.29 -2.95 -17.56
C ALA B 1 28.72 -2.58 -16.14
N ASN B 2 29.53 -1.50 -16.03
CA ASN B 2 29.75 -0.85 -14.77
C ASN B 2 28.68 0.24 -14.67
N LEU B 3 27.58 -0.13 -14.07
CA LEU B 3 26.39 0.75 -14.01
C LEU B 3 26.60 1.98 -13.12
N GLU B 4 25.96 3.08 -13.54
CA GLU B 4 25.94 4.34 -12.78
C GLU B 4 25.48 4.19 -11.34
N ARG B 5 26.03 5.04 -10.47
CA ARG B 5 25.62 5.05 -9.07
C ARG B 5 25.22 6.48 -8.67
N THR B 6 24.31 6.56 -7.73
CA THR B 6 24.02 7.81 -7.04
C THR B 6 24.03 7.69 -5.51
N PHE B 7 24.28 8.82 -4.84
CA PHE B 7 24.21 8.92 -3.39
C PHE B 7 22.83 9.45 -2.98
N ILE B 8 22.08 8.65 -2.22
CA ILE B 8 20.80 9.07 -1.60
C ILE B 8 20.92 9.06 -0.10
N ALA B 9 20.48 10.13 0.54
CA ALA B 9 20.34 10.17 1.99
C ALA B 9 18.94 10.57 2.39
N ILE B 10 18.37 9.79 3.31
CA ILE B 10 17.13 10.14 3.96
C ILE B 10 17.50 11.03 5.14
N LYS B 11 17.01 12.25 5.07
CA LYS B 11 17.34 13.29 6.04
C LYS B 11 16.72 13.06 7.43
N PRO B 12 17.18 13.79 8.48
CA PRO B 12 16.67 13.45 9.84
C PRO B 12 15.13 13.45 9.94
N ASP B 13 14.48 14.35 9.19
CA ASP B 13 13.01 14.40 9.17
C ASP B 13 12.37 13.13 8.57
N GLY B 14 13.00 12.58 7.54
CA GLY B 14 12.54 11.33 6.93
C GLY B 14 12.60 10.19 7.94
N VAL B 15 13.70 10.13 8.67
CA VAL B 15 13.83 9.15 9.73
C VAL B 15 12.79 9.36 10.83
N GLN B 16 12.62 10.58 11.30
CA GLN B 16 11.75 10.84 12.44
C GLN B 16 10.27 10.62 12.12
N ARG B 17 9.91 10.91 10.89
CA ARG B 17 8.54 10.70 10.43
C ARG B 17 8.22 9.25 9.95
N GLY B 18 9.16 8.34 10.09
CA GLY B 18 8.91 6.92 9.83
C GLY B 18 8.80 6.57 8.38
N LEU B 19 9.53 7.25 7.50
CA LEU B 19 9.46 7.04 6.04
C LEU B 19 10.66 6.28 5.43
N VAL B 20 11.52 5.68 6.26
CA VAL B 20 12.71 5.00 5.73
C VAL B 20 12.29 3.83 4.84
N GLY B 21 11.42 2.98 5.35
CA GLY B 21 10.96 1.80 4.57
C GLY B 21 10.27 2.18 3.27
N GLU B 22 9.33 3.12 3.35
N GLU B 22 9.32 3.13 3.39
CA GLU B 22 8.61 3.61 2.17
CA GLU B 22 8.57 3.67 2.26
C GLU B 22 9.57 4.08 1.09
C GLU B 22 9.47 4.18 1.12
N ILE B 23 10.52 4.92 1.48
CA ILE B 23 11.48 5.45 0.54
C ILE B 23 12.30 4.35 -0.12
N ILE B 24 12.85 3.46 0.71
CA ILE B 24 13.68 2.37 0.21
C ILE B 24 12.89 1.49 -0.81
N LYS B 25 11.65 1.19 -0.49
CA LYS B 25 10.75 0.42 -1.38
C LYS B 25 10.64 1.07 -2.76
N ARG B 26 10.56 2.41 -2.81
CA ARG B 26 10.39 3.04 -4.11
C ARG B 26 11.64 2.83 -4.99
N PHE B 27 12.82 2.85 -4.36
CA PHE B 27 14.04 2.56 -5.09
C PHE B 27 14.14 1.08 -5.56
N GLU B 28 13.82 0.19 -4.65
CA GLU B 28 13.77 -1.26 -4.90
C GLU B 28 12.81 -1.60 -6.02
N GLN B 29 11.61 -1.04 -5.97
CA GLN B 29 10.56 -1.45 -6.93
C GLN B 29 10.87 -0.95 -8.36
N LYS B 30 11.62 0.15 -8.45
CA LYS B 30 12.09 0.72 -9.73
C LYS B 30 13.10 -0.18 -10.43
N GLY B 31 13.80 -1.03 -9.67
CA GLY B 31 14.76 -2.00 -10.24
C GLY B 31 16.22 -1.62 -10.04
N PHE B 32 16.47 -0.59 -9.25
CA PHE B 32 17.80 -0.18 -8.83
C PHE B 32 18.36 -1.18 -7.82
N ARG B 33 19.69 -1.30 -7.78
CA ARG B 33 20.35 -2.22 -6.84
C ARG B 33 20.92 -1.40 -5.67
N LEU B 34 20.58 -1.81 -4.45
CA LEU B 34 21.22 -1.19 -3.28
C LEU B 34 22.72 -1.59 -3.19
N VAL B 35 23.61 -0.59 -3.22
CA VAL B 35 25.08 -0.83 -3.19
C VAL B 35 25.65 -0.69 -1.78
N ALA B 36 25.13 0.25 -1.03
CA ALA B 36 25.70 0.54 0.31
C ALA B 36 24.62 1.20 1.15
N MET B 37 24.64 0.93 2.44
CA MET B 37 23.74 1.62 3.36
C MET B 37 24.28 1.60 4.79
N LYS B 38 24.19 2.76 5.41
CA LYS B 38 24.45 2.86 6.83
C LYS B 38 23.61 3.95 7.50
N PHE B 39 23.63 3.97 8.83
CA PHE B 39 22.76 4.82 9.63
C PHE B 39 23.69 5.54 10.61
N LEU B 40 23.67 6.87 10.61
CA LEU B 40 24.62 7.63 11.44
C LEU B 40 24.15 9.07 11.62
N ARG B 41 24.63 9.72 12.67
CA ARG B 41 24.49 11.16 12.80
CA ARG B 41 24.49 11.16 12.81
C ARG B 41 25.75 11.77 12.19
N ALA B 42 25.57 12.47 11.06
CA ALA B 42 26.72 13.06 10.38
C ALA B 42 27.16 14.29 11.18
N SER B 43 28.46 14.43 11.39
CA SER B 43 29.01 15.59 12.11
C SER B 43 28.74 16.86 11.30
N GLU B 44 28.69 18.00 11.99
CA GLU B 44 28.58 19.28 11.27
C GLU B 44 29.67 19.44 10.19
N GLU B 45 30.89 18.97 10.41
CA GLU B 45 31.98 19.18 9.46
C GLU B 45 31.70 18.31 8.23
N HIS B 46 31.26 17.09 8.46
CA HIS B 46 30.83 16.21 7.35
C HIS B 46 29.75 16.89 6.48
N LEU B 47 28.80 17.54 7.13
CA LEU B 47 27.66 18.17 6.47
C LEU B 47 28.11 19.44 5.71
N LYS B 48 29.00 20.22 6.35
CA LYS B 48 29.61 21.39 5.68
C LYS B 48 30.28 21.01 4.37
N GLN B 49 31.09 19.95 4.41
CA GLN B 49 31.77 19.46 3.22
C GLN B 49 30.75 18.95 2.17
N HIS B 50 29.73 18.24 2.63
CA HIS B 50 28.67 17.74 1.71
C HIS B 50 28.03 18.89 0.95
N TYR B 51 27.70 19.94 1.68
CA TYR B 51 27.03 21.13 1.15
C TYR B 51 27.94 22.32 0.92
N ILE B 52 29.19 22.06 0.60
CA ILE B 52 30.20 23.11 0.59
C ILE B 52 29.85 24.24 -0.38
N ASP B 53 29.25 23.89 -1.52
CA ASP B 53 28.86 24.89 -2.56
C ASP B 53 27.75 25.86 -2.07
N LEU B 54 27.07 25.50 -0.98
CA LEU B 54 26.07 26.37 -0.38
C LEU B 54 26.55 27.17 0.82
N LYS B 55 27.85 27.14 1.13
CA LYS B 55 28.34 27.64 2.42
C LYS B 55 28.01 29.12 2.67
N ASP B 56 27.96 29.91 1.61
CA ASP B 56 27.69 31.34 1.76
C ASP B 56 26.21 31.68 1.64
N ARG B 57 25.35 30.68 1.42
CA ARG B 57 23.91 30.95 1.34
C ARG B 57 23.35 31.23 2.73
N PRO B 58 22.35 32.12 2.84
CA PRO B 58 21.84 32.52 4.16
C PRO B 58 21.21 31.39 5.00
N PHE B 59 20.68 30.36 4.34
CA PHE B 59 20.05 29.21 5.03
C PHE B 59 21.05 28.12 5.45
N PHE B 60 22.31 28.30 5.07
CA PHE B 60 23.33 27.26 5.26
C PHE B 60 23.51 26.84 6.74
N PRO B 61 23.66 27.81 7.67
CA PRO B 61 23.72 27.48 9.10
C PRO B 61 22.58 26.61 9.63
N GLY B 62 21.34 27.04 9.41
CA GLY B 62 20.18 26.24 9.75
C GLY B 62 20.17 24.88 9.06
N LEU B 63 20.51 24.83 7.76
CA LEU B 63 20.62 23.53 7.03
C LEU B 63 21.57 22.54 7.77
N VAL B 64 22.75 23.01 8.14
CA VAL B 64 23.75 22.17 8.80
C VAL B 64 23.23 21.70 10.18
N LYS B 65 22.61 22.62 10.93
CA LYS B 65 22.07 22.25 12.24
C LYS B 65 20.95 21.21 12.16
N TYR B 66 20.05 21.41 11.23
CA TYR B 66 18.96 20.45 11.01
C TYR B 66 19.49 19.09 10.56
N MET B 67 20.43 19.09 9.61
CA MET B 67 21.01 17.84 9.11
C MET B 67 21.82 17.10 10.19
N ASN B 68 22.33 17.85 11.16
CA ASN B 68 23.01 17.26 12.33
C ASN B 68 22.05 16.85 13.45
N SER B 69 20.76 17.24 13.35
CA SER B 69 19.83 17.13 14.47
C SER B 69 19.27 15.74 14.77
N GLY B 70 19.59 14.77 13.93
CA GLY B 70 19.15 13.39 14.12
C GLY B 70 19.93 12.56 13.11
N PRO B 71 19.82 11.24 13.21
CA PRO B 71 20.47 10.41 12.22
C PRO B 71 19.87 10.48 10.82
N VAL B 72 20.70 10.05 9.89
CA VAL B 72 20.40 10.02 8.49
C VAL B 72 20.63 8.55 8.05
N VAL B 73 19.86 8.13 7.06
CA VAL B 73 20.14 6.90 6.30
C VAL B 73 20.90 7.24 4.99
N ALA B 74 22.17 6.84 4.96
CA ALA B 74 23.07 7.08 3.84
C ALA B 74 23.06 5.83 2.93
N MET B 75 22.82 6.04 1.65
CA MET B 75 22.77 4.95 0.65
C MET B 75 23.45 5.25 -0.69
N VAL B 76 23.92 4.18 -1.34
CA VAL B 76 24.35 4.24 -2.74
C VAL B 76 23.49 3.26 -3.49
N TRP B 77 22.89 3.77 -4.57
CA TRP B 77 22.01 2.99 -5.46
C TRP B 77 22.61 2.97 -6.84
N GLU B 78 22.50 1.80 -7.50
CA GLU B 78 23.01 1.59 -8.83
C GLU B 78 21.89 1.43 -9.84
N GLY B 79 22.11 1.98 -11.01
CA GLY B 79 21.31 1.65 -12.19
C GLY B 79 21.55 2.58 -13.36
N LEU B 80 21.13 2.15 -14.53
CA LEU B 80 21.16 3.01 -15.72
C LEU B 80 20.33 4.29 -15.42
N ASN B 81 20.90 5.46 -15.70
CA ASN B 81 20.27 6.79 -15.43
C ASN B 81 19.87 7.03 -13.95
N VAL B 82 20.52 6.33 -13.02
CA VAL B 82 20.05 6.39 -11.65
C VAL B 82 20.17 7.81 -11.08
N VAL B 83 21.22 8.54 -11.45
CA VAL B 83 21.33 9.92 -10.93
C VAL B 83 20.09 10.79 -11.34
N LYS B 84 19.84 10.92 -12.65
CA LYS B 84 18.77 11.81 -13.15
C LYS B 84 17.35 11.28 -12.80
N THR B 85 17.15 9.98 -12.92
CA THR B 85 15.83 9.42 -12.64
C THR B 85 15.61 9.37 -11.11
N GLY B 86 16.70 9.24 -10.33
CA GLY B 86 16.64 9.41 -8.89
C GLY B 86 16.16 10.81 -8.50
N ARG B 87 16.70 11.84 -9.14
CA ARG B 87 16.28 13.22 -8.89
C ARG B 87 14.78 13.38 -9.20
N VAL B 88 14.36 12.85 -10.35
CA VAL B 88 12.96 12.91 -10.78
C VAL B 88 12.03 12.24 -9.73
N MET B 89 12.46 11.07 -9.26
CA MET B 89 11.74 10.40 -8.18
C MET B 89 11.61 11.24 -6.90
N LEU B 90 12.65 12.01 -6.57
CA LEU B 90 12.62 12.82 -5.35
C LEU B 90 11.62 13.99 -5.47
N GLY B 91 11.52 14.58 -6.65
CA GLY B 91 10.77 15.83 -6.87
C GLY B 91 11.68 17.00 -7.22
N GLU B 92 11.23 18.20 -6.89
CA GLU B 92 12.03 19.41 -7.02
C GLU B 92 12.57 19.73 -5.61
N THR B 93 13.61 20.54 -5.52
CA THR B 93 14.18 20.92 -4.23
C THR B 93 13.12 21.38 -3.25
N ASN B 94 12.28 22.30 -3.70
CA ASN B 94 11.16 22.81 -2.94
C ASN B 94 9.97 21.84 -3.08
N PRO B 95 9.51 21.25 -1.95
CA PRO B 95 8.31 20.40 -2.04
C PRO B 95 7.08 21.08 -2.65
N ALA B 96 6.93 22.40 -2.49
CA ALA B 96 5.83 23.18 -3.14
C ALA B 96 5.74 22.97 -4.66
N ASP B 97 6.89 22.69 -5.32
CA ASP B 97 6.99 22.47 -6.75
C ASP B 97 7.10 20.97 -7.17
N SER B 98 7.02 20.06 -6.19
CA SER B 98 7.18 18.64 -6.42
C SER B 98 5.83 18.00 -6.70
N LYS B 99 5.75 17.22 -7.78
CA LYS B 99 4.48 16.63 -8.22
C LYS B 99 4.03 15.45 -7.36
N PRO B 100 2.71 15.28 -7.19
CA PRO B 100 2.18 14.06 -6.57
C PRO B 100 2.82 12.84 -7.22
N GLY B 101 3.17 11.83 -6.40
CA GLY B 101 3.77 10.62 -6.87
C GLY B 101 5.29 10.64 -6.75
N THR B 102 5.85 11.83 -6.55
CA THR B 102 7.29 11.95 -6.17
C THR B 102 7.37 11.84 -4.63
N ILE B 103 8.58 11.59 -4.14
CA ILE B 103 8.81 11.46 -2.71
C ILE B 103 8.48 12.74 -1.96
N ARG B 104 9.04 13.89 -2.38
CA ARG B 104 8.71 15.16 -1.69
C ARG B 104 7.25 15.60 -2.00
N GLY B 105 6.78 15.30 -3.20
CA GLY B 105 5.40 15.61 -3.62
C GLY B 105 4.38 14.90 -2.72
N ASP B 106 4.65 13.65 -2.35
CA ASP B 106 3.74 12.89 -1.49
C ASP B 106 3.91 13.17 0.01
N PHE B 107 5.13 13.48 0.44
CA PHE B 107 5.43 13.47 1.86
C PHE B 107 5.88 14.75 2.54
N CYS B 108 6.21 15.80 1.84
CA CYS B 108 6.61 17.00 2.55
CA CYS B 108 6.58 17.02 2.57
C CYS B 108 6.13 18.32 1.94
N ILE B 109 6.45 19.40 2.64
CA ILE B 109 5.86 20.70 2.44
C ILE B 109 6.87 21.86 2.33
N GLN B 110 7.95 21.85 3.13
CA GLN B 110 8.87 22.99 3.23
C GLN B 110 10.29 22.64 2.77
N VAL B 111 10.94 23.56 2.06
CA VAL B 111 12.26 23.33 1.48
C VAL B 111 13.29 22.94 2.56
N GLY B 112 13.16 23.51 3.75
CA GLY B 112 14.12 23.26 4.84
C GLY B 112 13.87 21.93 5.56
N ARG B 113 12.75 21.29 5.26
CA ARG B 113 12.43 19.94 5.77
C ARG B 113 11.95 19.08 4.59
N ASN B 114 12.87 18.74 3.69
CA ASN B 114 12.44 18.12 2.44
C ASN B 114 12.87 16.64 2.33
N ILE B 115 13.05 16.03 3.51
CA ILE B 115 13.17 14.58 3.76
C ILE B 115 14.28 13.72 3.11
N ILE B 116 14.87 14.17 2.02
CA ILE B 116 15.80 13.37 1.26
C ILE B 116 16.78 14.23 0.47
N HIS B 117 17.94 13.65 0.22
CA HIS B 117 18.96 14.19 -0.65
C HIS B 117 19.23 13.16 -1.75
N GLY B 118 19.45 13.65 -2.98
CA GLY B 118 20.02 12.86 -4.05
C GLY B 118 21.07 13.64 -4.84
N SER B 119 22.16 12.97 -5.22
CA SER B 119 23.17 13.60 -6.10
C SER B 119 22.55 14.24 -7.37
N ASP B 120 23.01 15.43 -7.70
CA ASP B 120 22.46 16.18 -8.83
C ASP B 120 23.12 15.89 -10.19
N SER B 121 24.29 15.19 -10.17
CA SER B 121 25.03 14.85 -11.38
C SER B 121 25.90 13.62 -11.13
N VAL B 122 26.39 13.05 -12.21
CA VAL B 122 27.31 11.91 -12.06
C VAL B 122 28.57 12.32 -11.28
N LYS B 123 29.14 13.47 -11.61
N LYS B 123 29.15 13.46 -11.65
CA LYS B 123 30.32 13.96 -10.90
CA LYS B 123 30.30 14.01 -10.94
C LYS B 123 30.04 14.20 -9.40
C LYS B 123 30.03 14.20 -9.42
N SER B 124 28.91 14.83 -9.08
CA SER B 124 28.53 15.00 -7.66
C SER B 124 28.34 13.64 -6.97
N ALA B 125 27.66 12.70 -7.62
CA ALA B 125 27.45 11.38 -7.10
C ALA B 125 28.79 10.74 -6.73
N GLU B 126 29.75 10.79 -7.63
CA GLU B 126 31.04 10.09 -7.30
C GLU B 126 31.77 10.77 -6.11
N LYS B 127 31.70 12.09 -6.05
CA LYS B 127 32.27 12.87 -4.93
C LYS B 127 31.57 12.49 -3.62
N GLU B 128 30.24 12.47 -3.65
CA GLU B 128 29.43 12.22 -2.46
C GLU B 128 29.62 10.79 -1.96
N ILE B 129 29.59 9.83 -2.88
CA ILE B 129 29.89 8.45 -2.57
C ILE B 129 31.23 8.35 -1.81
N SER B 130 32.28 8.93 -2.38
CA SER B 130 33.64 8.90 -1.79
C SER B 130 33.70 9.52 -0.41
N LEU B 131 32.95 10.59 -0.19
CA LEU B 131 32.95 11.26 1.10
C LEU B 131 32.13 10.54 2.18
N TRP B 132 31.08 9.80 1.80
CA TRP B 132 30.18 9.17 2.77
C TRP B 132 30.45 7.71 3.08
N PHE B 133 31.10 7.00 2.16
CA PHE B 133 31.42 5.58 2.35
C PHE B 133 32.91 5.32 2.19
N LYS B 134 33.39 4.35 2.95
CA LYS B 134 34.65 3.71 2.69
C LYS B 134 34.45 2.79 1.51
N PRO B 135 35.48 2.61 0.68
CA PRO B 135 35.35 1.77 -0.49
C PRO B 135 34.82 0.36 -0.19
N GLU B 136 35.22 -0.21 0.96
CA GLU B 136 34.86 -1.57 1.32
C GLU B 136 33.36 -1.66 1.70
N GLU B 137 32.71 -0.52 1.92
CA GLU B 137 31.30 -0.50 2.29
C GLU B 137 30.39 -0.60 1.07
N LEU B 138 30.97 -0.49 -0.12
CA LEU B 138 30.24 -0.64 -1.37
C LEU B 138 30.21 -2.13 -1.73
N VAL B 139 29.04 -2.74 -1.58
CA VAL B 139 28.88 -4.20 -1.79
C VAL B 139 28.68 -4.56 -3.27
N ASP B 140 29.51 -5.48 -3.75
CA ASP B 140 29.47 -5.96 -5.11
C ASP B 140 28.68 -7.28 -5.17
N TYR B 141 27.49 -7.22 -5.77
CA TYR B 141 26.67 -8.42 -6.06
C TYR B 141 25.81 -8.14 -7.28
N LYS B 142 25.28 -9.20 -7.90
CA LYS B 142 24.37 -9.08 -9.04
C LYS B 142 22.90 -9.32 -8.64
N SER B 143 22.02 -8.46 -9.14
CA SER B 143 20.59 -8.56 -8.83
C SER B 143 19.98 -9.78 -9.53
N CYS B 144 19.16 -10.56 -8.82
N CYS B 144 19.17 -10.54 -8.76
CA CYS B 144 18.54 -11.75 -9.41
CA CYS B 144 18.33 -11.67 -9.23
C CYS B 144 17.65 -11.41 -10.62
C CYS B 144 17.71 -11.37 -10.58
N ALA B 145 17.04 -10.23 -10.64
CA ALA B 145 16.19 -9.80 -11.79
C ALA B 145 16.91 -9.01 -12.86
N HIS B 146 18.26 -9.00 -12.83
CA HIS B 146 19.01 -8.12 -13.71
C HIS B 146 18.58 -8.24 -15.18
N ASP B 147 18.50 -9.47 -15.67
CA ASP B 147 18.20 -9.73 -17.08
C ASP B 147 16.72 -9.49 -17.44
N TRP B 148 15.88 -9.28 -16.42
CA TRP B 148 14.50 -8.84 -16.63
C TRP B 148 14.35 -7.31 -16.50
N VAL B 149 15.37 -6.64 -15.97
CA VAL B 149 15.38 -5.18 -15.91
C VAL B 149 16.17 -4.55 -17.07
N TYR B 150 17.17 -5.28 -17.60
CA TYR B 150 18.04 -4.83 -18.66
C TYR B 150 18.10 -5.84 -19.82
N GLU B 151 18.12 -5.28 -21.05
CA GLU B 151 18.42 -5.97 -22.31
C GLU B 151 19.82 -6.57 -22.24
N ALA C 1 -0.53 33.10 14.83
CA ALA C 1 0.03 33.21 13.44
C ALA C 1 -0.58 32.17 12.49
N ASN C 2 -1.91 31.99 12.57
CA ASN C 2 -2.63 30.95 11.79
C ASN C 2 -1.97 30.57 10.43
N LEU C 3 -1.71 29.28 10.25
CA LEU C 3 -1.26 28.77 8.95
C LEU C 3 -2.45 28.81 8.00
N GLU C 4 -2.16 28.76 6.71
CA GLU C 4 -3.17 28.61 5.66
C GLU C 4 -4.01 27.34 5.86
N ARG C 5 -5.28 27.44 5.49
CA ARG C 5 -6.22 26.33 5.56
C ARG C 5 -7.05 26.21 4.31
N THR C 6 -7.52 25.00 4.04
CA THR C 6 -8.41 24.79 2.95
C THR C 6 -9.56 23.87 3.33
N PHE C 7 -10.62 23.97 2.56
CA PHE C 7 -11.79 23.08 2.67
C PHE C 7 -11.69 21.96 1.61
N ILE C 8 -11.81 20.71 2.07
CA ILE C 8 -11.75 19.51 1.19
C ILE C 8 -12.95 18.67 1.51
N ALA C 9 -13.73 18.32 0.49
CA ALA C 9 -14.82 17.37 0.68
C ALA C 9 -14.64 16.17 -0.22
N ILE C 10 -14.86 14.96 0.33
CA ILE C 10 -14.91 13.70 -0.42
C ILE C 10 -16.35 13.54 -0.88
N LYS C 11 -16.55 13.52 -2.19
CA LYS C 11 -17.88 13.55 -2.81
C LYS C 11 -18.60 12.20 -2.65
N PRO C 12 -19.91 12.15 -2.95
CA PRO C 12 -20.65 10.88 -2.69
C PRO C 12 -20.06 9.63 -3.37
N ASP C 13 -19.52 9.78 -4.58
CA ASP C 13 -18.84 8.70 -5.30
C ASP C 13 -17.58 8.23 -4.58
N GLY C 14 -16.88 9.17 -3.93
CA GLY C 14 -15.69 8.89 -3.13
C GLY C 14 -16.03 7.93 -1.99
N VAL C 15 -17.13 8.22 -1.29
CA VAL C 15 -17.63 7.44 -0.16
C VAL C 15 -18.09 6.07 -0.66
N GLN C 16 -18.93 6.08 -1.68
CA GLN C 16 -19.53 4.87 -2.21
C GLN C 16 -18.47 3.88 -2.76
N ARG C 17 -17.39 4.43 -3.30
CA ARG C 17 -16.32 3.63 -3.89
C ARG C 17 -15.26 3.24 -2.84
N GLY C 18 -15.47 3.61 -1.58
CA GLY C 18 -14.63 3.14 -0.47
C GLY C 18 -13.21 3.70 -0.43
N LEU C 19 -13.08 4.97 -0.84
CA LEU C 19 -11.81 5.71 -0.89
C LEU C 19 -11.57 6.77 0.22
N VAL C 20 -12.45 6.83 1.24
CA VAL C 20 -12.35 7.84 2.32
C VAL C 20 -10.98 7.73 3.00
N GLY C 21 -10.66 6.53 3.46
CA GLY C 21 -9.38 6.27 4.14
C GLY C 21 -8.17 6.56 3.26
N GLU C 22 -8.21 6.04 2.05
CA GLU C 22 -7.14 6.29 1.07
C GLU C 22 -6.93 7.83 0.94
N ILE C 23 -8.02 8.56 0.74
CA ILE C 23 -7.92 10.00 0.52
C ILE C 23 -7.31 10.71 1.73
N ILE C 24 -7.88 10.48 2.91
CA ILE C 24 -7.38 11.09 4.13
C ILE C 24 -5.88 10.76 4.35
N LYS C 25 -5.50 9.49 4.15
CA LYS C 25 -4.10 9.07 4.25
C LYS C 25 -3.15 9.95 3.42
N ARG C 26 -3.57 10.28 2.22
CA ARG C 26 -2.74 11.13 1.35
C ARG C 26 -2.49 12.51 1.97
N PHE C 27 -3.50 13.07 2.62
CA PHE C 27 -3.36 14.37 3.28
C PHE C 27 -2.51 14.25 4.54
N GLU C 28 -2.71 13.19 5.32
CA GLU C 28 -1.87 13.00 6.53
C GLU C 28 -0.39 12.80 6.20
N GLN C 29 -0.14 11.97 5.19
CA GLN C 29 1.23 11.60 4.74
C GLN C 29 2.03 12.81 4.29
N LYS C 30 1.33 13.76 3.69
CA LYS C 30 1.90 14.97 3.14
C LYS C 30 2.38 15.88 4.27
N GLY C 31 1.81 15.73 5.46
CA GLY C 31 2.16 16.62 6.59
C GLY C 31 1.13 17.67 6.95
N PHE C 32 0.01 17.70 6.26
CA PHE C 32 -1.06 18.62 6.65
C PHE C 32 -1.74 18.21 7.96
N ARG C 33 -2.23 19.21 8.70
CA ARG C 33 -2.93 18.96 9.95
C ARG C 33 -4.45 18.98 9.74
N LEU C 34 -5.10 17.91 10.17
CA LEU C 34 -6.56 17.86 10.14
C LEU C 34 -7.11 18.83 11.21
N VAL C 35 -7.89 19.80 10.77
CA VAL C 35 -8.50 20.79 11.67
C VAL C 35 -9.96 20.47 12.06
N ALA C 36 -10.70 19.97 11.08
CA ALA C 36 -12.10 19.71 11.21
C ALA C 36 -12.55 18.60 10.26
N MET C 37 -13.56 17.85 10.70
CA MET C 37 -14.13 16.80 9.87
C MET C 37 -15.51 16.39 10.37
N LYS C 38 -16.41 16.16 9.43
CA LYS C 38 -17.71 15.55 9.69
C LYS C 38 -18.29 14.91 8.47
N PHE C 39 -19.32 14.09 8.67
CA PHE C 39 -19.91 13.24 7.63
C PHE C 39 -21.41 13.53 7.61
N LEU C 40 -21.91 13.92 6.44
CA LEU C 40 -23.29 14.35 6.30
C LEU C 40 -23.78 14.26 4.86
N ARG C 41 -25.11 14.14 4.72
CA ARG C 41 -25.78 14.33 3.45
CA ARG C 41 -25.75 14.34 3.44
C ARG C 41 -26.08 15.82 3.35
N ALA C 42 -25.39 16.52 2.46
CA ALA C 42 -25.58 17.98 2.32
C ALA C 42 -26.88 18.22 1.56
N SER C 43 -27.69 19.17 2.05
CA SER C 43 -28.98 19.47 1.43
C SER C 43 -28.77 20.17 0.09
N GLU C 44 -29.76 20.10 -0.79
CA GLU C 44 -29.67 20.83 -2.08
C GLU C 44 -29.36 22.30 -1.85
N GLU C 45 -29.94 22.90 -0.80
CA GLU C 45 -29.74 24.33 -0.53
C GLU C 45 -28.31 24.66 -0.15
N HIS C 46 -27.77 23.82 0.71
CA HIS C 46 -26.41 23.99 1.17
C HIS C 46 -25.47 23.92 -0.04
N LEU C 47 -25.69 22.92 -0.89
CA LEU C 47 -24.89 22.69 -2.09
C LEU C 47 -25.02 23.82 -3.15
N LYS C 48 -26.23 24.32 -3.37
CA LYS C 48 -26.42 25.50 -4.22
C LYS C 48 -25.63 26.70 -3.67
N GLN C 49 -25.57 26.85 -2.35
CA GLN C 49 -24.77 27.91 -1.74
C GLN C 49 -23.27 27.64 -2.01
N HIS C 50 -22.85 26.41 -1.73
CA HIS C 50 -21.44 26.02 -1.93
C HIS C 50 -20.98 26.30 -3.38
N TYR C 51 -21.76 25.85 -4.34
CA TYR C 51 -21.48 26.08 -5.77
C TYR C 51 -22.20 27.29 -6.39
N ILE C 52 -22.51 28.31 -5.58
CA ILE C 52 -23.36 29.42 -6.08
C ILE C 52 -22.73 30.11 -7.31
N ASP C 53 -21.40 30.21 -7.34
CA ASP C 53 -20.70 30.78 -8.52
C ASP C 53 -20.96 30.10 -9.87
N LEU C 54 -21.39 28.82 -9.83
CA LEU C 54 -21.66 28.01 -11.00
C LEU C 54 -23.15 27.93 -11.35
N LYS C 55 -23.98 28.71 -10.66
CA LYS C 55 -25.44 28.48 -10.71
C LYS C 55 -26.06 28.59 -12.12
N ASP C 56 -25.41 29.33 -13.01
CA ASP C 56 -25.92 29.50 -14.38
C ASP C 56 -25.28 28.59 -15.43
N ARG C 57 -24.37 27.71 -15.01
CA ARG C 57 -23.73 26.80 -15.93
C ARG C 57 -24.66 25.61 -16.18
N PRO C 58 -24.57 25.00 -17.35
CA PRO C 58 -25.48 23.93 -17.75
C PRO C 58 -25.52 22.68 -16.83
N PHE C 59 -24.37 22.37 -16.25
CA PHE C 59 -24.18 21.12 -15.50
C PHE C 59 -24.56 21.29 -14.02
N PHE C 60 -24.90 22.51 -13.63
CA PHE C 60 -25.13 22.87 -12.25
C PHE C 60 -26.26 22.08 -11.57
N PRO C 61 -27.44 21.98 -12.21
CA PRO C 61 -28.50 21.17 -11.58
C PRO C 61 -28.08 19.72 -11.35
N GLY C 62 -27.42 19.13 -12.34
CA GLY C 62 -26.86 17.77 -12.30
C GLY C 62 -25.83 17.58 -11.22
N LEU C 63 -24.97 18.58 -11.07
CA LEU C 63 -23.95 18.63 -10.01
C LEU C 63 -24.56 18.63 -8.61
N VAL C 64 -25.50 19.56 -8.39
CA VAL C 64 -26.17 19.72 -7.11
C VAL C 64 -26.91 18.40 -6.75
N LYS C 65 -27.58 17.79 -7.73
CA LYS C 65 -28.29 16.51 -7.57
C LYS C 65 -27.34 15.35 -7.20
N TYR C 66 -26.26 15.23 -7.94
CA TYR C 66 -25.24 14.21 -7.62
C TYR C 66 -24.65 14.45 -6.24
N MET C 67 -24.34 15.70 -5.91
CA MET C 67 -23.75 16.02 -4.61
C MET C 67 -24.69 15.72 -3.42
N ASN C 68 -26.00 15.70 -3.67
CA ASN C 68 -26.98 15.31 -2.67
C ASN C 68 -27.33 13.78 -2.68
N SER C 69 -26.80 13.03 -3.65
CA SER C 69 -27.21 11.62 -3.87
C SER C 69 -26.62 10.64 -2.84
N GLY C 70 -25.70 11.11 -1.99
CA GLY C 70 -25.10 10.29 -0.91
C GLY C 70 -24.39 11.19 0.09
N PRO C 71 -23.96 10.64 1.23
CA PRO C 71 -23.17 11.43 2.17
C PRO C 71 -21.79 11.82 1.67
N VAL C 72 -21.26 12.87 2.25
CA VAL C 72 -20.04 13.49 1.87
C VAL C 72 -19.18 13.62 3.14
N VAL C 73 -17.86 13.53 3.03
CA VAL C 73 -16.92 13.80 4.12
C VAL C 73 -16.36 15.23 3.91
N ALA C 74 -16.70 16.10 4.84
CA ALA C 74 -16.29 17.49 4.82
C ALA C 74 -15.16 17.67 5.81
N MET C 75 -14.09 18.35 5.39
CA MET C 75 -12.86 18.49 6.17
C MET C 75 -12.26 19.87 6.04
N VAL C 76 -11.53 20.28 7.06
CA VAL C 76 -10.61 21.41 6.98
C VAL C 76 -9.21 20.90 7.25
N TRP C 77 -8.28 21.23 6.34
CA TRP C 77 -6.86 20.88 6.53
C TRP C 77 -5.97 22.11 6.56
N GLU C 78 -4.93 22.08 7.38
CA GLU C 78 -4.02 23.23 7.53
C GLU C 78 -2.60 22.88 7.12
N GLY C 79 -1.96 23.86 6.48
CA GLY C 79 -0.51 23.84 6.29
C GLY C 79 -0.09 24.86 5.26
N LEU C 80 1.22 25.06 5.19
CA LEU C 80 1.86 25.94 4.23
C LEU C 80 1.45 25.50 2.83
N ASN C 81 0.92 26.46 2.06
CA ASN C 81 0.49 26.28 0.68
C ASN C 81 -0.63 25.25 0.50
N VAL C 82 -1.40 24.98 1.57
CA VAL C 82 -2.33 23.84 1.53
C VAL C 82 -3.40 24.05 0.45
N VAL C 83 -3.83 25.29 0.20
CA VAL C 83 -4.89 25.51 -0.80
C VAL C 83 -4.43 25.05 -2.19
N LYS C 84 -3.29 25.59 -2.62
CA LYS C 84 -2.74 25.27 -3.92
C LYS C 84 -2.25 23.81 -4.03
N THR C 85 -1.44 23.40 -3.06
N THR C 85 -1.45 23.36 -3.08
CA THR C 85 -0.92 22.03 -2.99
CA THR C 85 -0.92 21.98 -3.16
C THR C 85 -2.06 21.00 -2.94
C THR C 85 -2.04 20.93 -2.90
N GLY C 86 -3.07 21.30 -2.13
CA GLY C 86 -4.30 20.51 -2.11
C GLY C 86 -4.89 20.28 -3.48
N ARG C 87 -5.01 21.38 -4.23
N ARG C 87 -5.01 21.35 -4.25
CA ARG C 87 -5.47 21.33 -5.60
CA ARG C 87 -5.55 21.26 -5.60
C ARG C 87 -4.65 20.41 -6.48
C ARG C 87 -4.65 20.44 -6.53
N VAL C 88 -3.33 20.57 -6.38
CA VAL C 88 -2.40 19.82 -7.18
C VAL C 88 -2.54 18.33 -6.86
N MET C 89 -2.68 18.02 -5.56
N MET C 89 -2.67 18.01 -5.58
CA MET C 89 -2.94 16.65 -5.11
CA MET C 89 -2.91 16.64 -5.18
C MET C 89 -4.21 16.03 -5.71
C MET C 89 -4.21 16.03 -5.74
N LEU C 90 -5.28 16.82 -5.81
CA LEU C 90 -6.55 16.35 -6.38
C LEU C 90 -6.44 16.01 -7.87
N GLY C 91 -5.69 16.83 -8.60
CA GLY C 91 -5.60 16.76 -10.04
C GLY C 91 -6.37 17.92 -10.67
N GLU C 92 -6.65 17.81 -11.96
CA GLU C 92 -7.46 18.79 -12.66
C GLU C 92 -8.96 18.45 -12.49
N THR C 93 -9.83 19.43 -12.73
CA THR C 93 -11.29 19.26 -12.64
C THR C 93 -11.74 18.02 -13.40
N ASN C 94 -11.26 17.93 -14.64
CA ASN C 94 -11.51 16.78 -15.48
C ASN C 94 -10.48 15.66 -15.19
N PRO C 95 -10.94 14.50 -14.71
CA PRO C 95 -9.98 13.39 -14.50
C PRO C 95 -9.16 13.03 -15.75
N ALA C 96 -9.73 13.21 -16.95
CA ALA C 96 -8.99 12.90 -18.20
C ALA C 96 -7.63 13.62 -18.31
N ASP C 97 -7.55 14.79 -17.69
CA ASP C 97 -6.36 15.67 -17.66
C ASP C 97 -5.56 15.60 -16.33
N SER C 98 -6.00 14.73 -15.42
CA SER C 98 -5.40 14.55 -14.12
C SER C 98 -4.29 13.50 -14.22
N LYS C 99 -3.10 13.83 -13.73
CA LYS C 99 -1.94 12.95 -13.89
C LYS C 99 -1.99 11.75 -12.96
N PRO C 100 -1.42 10.61 -13.42
CA PRO C 100 -1.23 9.54 -12.45
C PRO C 100 -0.47 10.05 -11.21
N GLY C 101 -0.93 9.64 -10.05
CA GLY C 101 -0.35 10.03 -8.80
C GLY C 101 -1.22 11.05 -8.09
N THR C 102 -2.08 11.74 -8.85
CA THR C 102 -3.13 12.59 -8.26
C THR C 102 -4.36 11.70 -7.90
N ILE C 103 -5.21 12.22 -7.02
CA ILE C 103 -6.38 11.49 -6.55
C ILE C 103 -7.36 11.22 -7.73
N ARG C 104 -7.73 12.26 -8.46
CA ARG C 104 -8.59 12.05 -9.63
C ARG C 104 -7.86 11.24 -10.73
N GLY C 105 -6.54 11.45 -10.89
CA GLY C 105 -5.75 10.68 -11.87
C GLY C 105 -5.73 9.18 -11.58
N ASP C 106 -5.64 8.82 -10.31
CA ASP C 106 -5.58 7.42 -9.91
C ASP C 106 -6.94 6.73 -9.93
N PHE C 107 -7.99 7.48 -9.64
CA PHE C 107 -9.29 6.91 -9.25
C PHE C 107 -10.53 7.24 -10.11
N CYS C 108 -10.47 8.26 -10.98
CA CYS C 108 -11.66 8.82 -11.71
C CYS C 108 -11.46 8.89 -13.22
N ILE C 109 -12.60 8.91 -13.91
CA ILE C 109 -12.64 8.95 -15.36
C ILE C 109 -13.39 10.17 -15.93
N GLN C 110 -14.53 10.51 -15.34
CA GLN C 110 -15.46 11.48 -15.92
C GLN C 110 -15.62 12.69 -14.98
N VAL C 111 -15.69 13.89 -15.55
CA VAL C 111 -15.70 15.15 -14.77
C VAL C 111 -16.83 15.27 -13.73
N GLY C 112 -17.98 14.67 -14.04
CA GLY C 112 -19.17 14.70 -13.16
C GLY C 112 -19.14 13.70 -12.03
N ARG C 113 -18.09 12.85 -12.00
CA ARG C 113 -17.84 11.90 -10.91
C ARG C 113 -16.36 11.96 -10.60
N ASN C 114 -15.95 13.05 -9.94
CA ASN C 114 -14.54 13.35 -9.79
C ASN C 114 -14.11 13.32 -8.31
N ILE C 115 -14.87 12.57 -7.51
CA ILE C 115 -14.62 12.09 -6.12
C ILE C 115 -14.25 13.07 -4.98
N ILE C 116 -13.86 14.29 -5.28
CA ILE C 116 -13.32 15.18 -4.24
C ILE C 116 -13.47 16.63 -4.71
N HIS C 117 -13.61 17.52 -3.74
CA HIS C 117 -13.60 18.95 -3.92
C HIS C 117 -12.46 19.53 -3.06
N GLY C 118 -11.74 20.51 -3.61
CA GLY C 118 -10.83 21.34 -2.82
C GLY C 118 -11.02 22.82 -3.21
N SER C 119 -10.97 23.73 -2.22
CA SER C 119 -11.07 25.16 -2.50
C SER C 119 -10.10 25.63 -3.59
N ASP C 120 -10.57 26.56 -4.42
CA ASP C 120 -9.83 27.10 -5.58
C ASP C 120 -8.86 28.29 -5.25
N SER C 121 -8.94 28.82 -4.02
CA SER C 121 -8.27 30.05 -3.63
C SER C 121 -8.47 30.23 -2.12
N VAL C 122 -7.62 31.06 -1.51
CA VAL C 122 -7.70 31.35 -0.08
C VAL C 122 -9.08 32.00 0.17
N LYS C 123 -9.49 32.94 -0.67
CA LYS C 123 -10.76 33.63 -0.42
C LYS C 123 -11.93 32.61 -0.43
N SER C 124 -11.88 31.69 -1.39
CA SER C 124 -12.90 30.63 -1.46
C SER C 124 -12.82 29.64 -0.31
N ALA C 125 -11.60 29.28 0.08
CA ALA C 125 -11.37 28.43 1.25
C ALA C 125 -12.05 29.03 2.48
N GLU C 126 -11.83 30.32 2.72
CA GLU C 126 -12.35 30.98 3.89
C GLU C 126 -13.89 30.95 3.86
N LYS C 127 -14.46 31.21 2.69
CA LYS C 127 -15.92 31.16 2.54
C LYS C 127 -16.48 29.75 2.76
N GLU C 128 -15.80 28.75 2.21
CA GLU C 128 -16.30 27.38 2.28
C GLU C 128 -16.23 26.84 3.72
N ILE C 129 -15.11 27.13 4.41
CA ILE C 129 -14.91 26.70 5.81
C ILE C 129 -16.07 27.24 6.67
N SER C 130 -16.34 28.53 6.51
CA SER C 130 -17.45 29.18 7.21
C SER C 130 -18.83 28.63 6.87
N LEU C 131 -19.05 28.27 5.61
CA LEU C 131 -20.31 27.67 5.17
C LEU C 131 -20.53 26.29 5.81
N TRP C 132 -19.49 25.46 5.78
CA TRP C 132 -19.63 24.06 6.22
C TRP C 132 -19.42 23.77 7.71
N PHE C 133 -18.68 24.63 8.42
CA PHE C 133 -18.30 24.36 9.82
C PHE C 133 -18.62 25.52 10.74
N LYS C 134 -19.11 25.20 11.94
CA LYS C 134 -19.20 26.18 13.03
C LYS C 134 -17.81 26.42 13.59
N PRO C 135 -17.53 27.65 14.08
CA PRO C 135 -16.19 27.91 14.59
C PRO C 135 -15.72 26.88 15.62
N GLU C 136 -16.63 26.41 16.46
CA GLU C 136 -16.30 25.47 17.53
C GLU C 136 -15.95 24.05 17.02
N GLU C 137 -16.26 23.77 15.76
CA GLU C 137 -15.89 22.47 15.13
C GLU C 137 -14.46 22.46 14.58
N LEU C 138 -13.82 23.62 14.58
CA LEU C 138 -12.42 23.75 14.19
C LEU C 138 -11.58 23.52 15.43
N VAL C 139 -10.78 22.45 15.43
CA VAL C 139 -9.99 22.07 16.59
C VAL C 139 -8.60 22.69 16.54
N ASP C 140 -8.24 23.39 17.62
CA ASP C 140 -6.90 23.97 17.74
C ASP C 140 -6.01 22.98 18.49
N TYR C 141 -5.01 22.47 17.80
CA TYR C 141 -4.02 21.59 18.43
C TYR C 141 -2.74 21.64 17.61
N LYS C 142 -1.64 21.22 18.25
CA LYS C 142 -0.32 21.16 17.62
C LYS C 142 0.02 19.72 17.18
N SER C 143 0.48 19.61 15.94
CA SER C 143 0.83 18.32 15.33
C SER C 143 2.17 17.81 15.86
N CYS C 144 2.16 16.54 16.29
N CYS C 144 2.22 16.53 16.26
CA CYS C 144 3.34 15.71 16.63
CA CYS C 144 3.46 15.88 16.72
C CYS C 144 4.56 16.04 15.78
C CYS C 144 4.61 16.17 15.77
N ALA C 145 4.35 16.06 14.47
CA ALA C 145 5.40 16.18 13.47
C ALA C 145 5.83 17.58 13.13
N HIS C 146 5.17 18.62 13.66
CA HIS C 146 5.33 19.97 13.11
C HIS C 146 6.80 20.38 12.93
N ASP C 147 7.64 20.10 13.93
CA ASP C 147 9.03 20.58 13.90
C ASP C 147 9.90 19.78 12.92
N TRP C 148 9.41 18.60 12.50
CA TRP C 148 10.03 17.83 11.43
C TRP C 148 9.42 18.11 10.03
N VAL C 149 8.26 18.79 10.00
CA VAL C 149 7.64 19.28 8.74
C VAL C 149 7.98 20.74 8.41
N TYR C 150 8.20 21.55 9.45
CA TYR C 150 8.51 22.98 9.31
C TYR C 150 9.78 23.39 10.08
N GLU C 151 10.57 24.25 9.47
CA GLU C 151 11.69 24.87 10.15
C GLU C 151 11.18 25.96 11.10
N ALA D 1 12.14 -30.43 -10.83
CA ALA D 1 10.94 -30.97 -10.10
C ALA D 1 9.64 -30.47 -10.75
N ASN D 2 8.51 -30.98 -10.27
CA ASN D 2 7.17 -30.66 -10.78
C ASN D 2 6.26 -30.32 -9.59
N LEU D 3 6.21 -29.03 -9.26
CA LEU D 3 5.66 -28.60 -7.97
C LEU D 3 4.13 -28.80 -7.85
N GLU D 4 3.66 -28.84 -6.61
CA GLU D 4 2.24 -28.92 -6.30
C GLU D 4 1.52 -27.73 -6.92
N ARG D 5 0.29 -27.97 -7.37
CA ARG D 5 -0.57 -26.91 -7.89
C ARG D 5 -1.92 -26.84 -7.17
N THR D 6 -2.49 -25.65 -7.16
CA THR D 6 -3.81 -25.47 -6.62
C THR D 6 -4.60 -24.57 -7.55
N PHE D 7 -5.90 -24.75 -7.46
CA PHE D 7 -6.89 -23.94 -8.20
C PHE D 7 -7.46 -22.84 -7.31
N ILE D 8 -7.29 -21.61 -7.74
CA ILE D 8 -7.82 -20.47 -7.03
C ILE D 8 -8.76 -19.71 -7.97
N ALA D 9 -9.96 -19.41 -7.51
CA ALA D 9 -10.95 -18.57 -8.26
C ALA D 9 -11.38 -17.38 -7.42
N ILE D 10 -11.28 -16.20 -8.02
CA ILE D 10 -11.86 -15.00 -7.44
C ILE D 10 -13.31 -14.96 -7.87
N LYS D 11 -14.21 -14.99 -6.89
CA LYS D 11 -15.65 -15.10 -7.11
C LYS D 11 -16.20 -13.75 -7.65
N PRO D 12 -17.46 -13.77 -8.14
CA PRO D 12 -18.02 -12.52 -8.74
C PRO D 12 -17.92 -11.31 -7.81
N ASP D 13 -18.15 -11.51 -6.52
CA ASP D 13 -18.01 -10.41 -5.54
C ASP D 13 -16.60 -9.81 -5.46
N GLY D 14 -15.58 -10.67 -5.64
CA GLY D 14 -14.19 -10.18 -5.63
C GLY D 14 -13.94 -9.29 -6.83
N VAL D 15 -14.46 -9.73 -7.98
CA VAL D 15 -14.35 -8.97 -9.22
C VAL D 15 -15.14 -7.67 -9.12
N GLN D 16 -16.37 -7.74 -8.64
CA GLN D 16 -17.22 -6.55 -8.55
C GLN D 16 -16.74 -5.49 -7.56
N ARG D 17 -16.10 -5.95 -6.48
CA ARG D 17 -15.51 -5.07 -5.46
C ARG D 17 -14.05 -4.59 -5.77
N GLY D 18 -13.52 -4.96 -6.94
CA GLY D 18 -12.26 -4.46 -7.45
C GLY D 18 -11.05 -4.98 -6.69
N LEU D 19 -11.11 -6.25 -6.26
CA LEU D 19 -10.03 -6.86 -5.46
C LEU D 19 -9.15 -7.87 -6.26
N VAL D 20 -9.33 -7.92 -7.57
CA VAL D 20 -8.51 -8.84 -8.37
C VAL D 20 -6.98 -8.63 -8.22
N GLY D 21 -6.53 -7.39 -8.39
CA GLY D 21 -5.13 -7.06 -8.32
C GLY D 21 -4.61 -7.33 -6.92
N GLU D 22 -5.36 -6.89 -5.92
CA GLU D 22 -4.97 -7.14 -4.53
C GLU D 22 -4.74 -8.63 -4.19
N ILE D 23 -5.68 -9.45 -4.61
CA ILE D 23 -5.61 -10.87 -4.30
C ILE D 23 -4.45 -11.53 -5.03
N ILE D 24 -4.26 -11.18 -6.30
CA ILE D 24 -3.14 -11.74 -7.09
C ILE D 24 -1.80 -11.32 -6.49
N LYS D 25 -1.69 -10.06 -6.07
CA LYS D 25 -0.50 -9.59 -5.40
C LYS D 25 -0.16 -10.44 -4.17
N ARG D 26 -1.15 -10.87 -3.43
CA ARG D 26 -0.86 -11.70 -2.25
C ARG D 26 -0.18 -13.03 -2.61
N PHE D 27 -0.62 -13.66 -3.71
CA PHE D 27 0.00 -14.90 -4.16
C PHE D 27 1.40 -14.69 -4.75
N GLU D 28 1.56 -13.63 -5.52
CA GLU D 28 2.82 -13.28 -6.10
C GLU D 28 3.88 -12.99 -4.98
N GLN D 29 3.51 -12.21 -3.96
CA GLN D 29 4.47 -11.77 -2.94
C GLN D 29 4.89 -12.90 -2.01
N LYS D 30 4.03 -13.88 -1.92
CA LYS D 30 4.29 -15.11 -1.20
C LYS D 30 5.37 -15.93 -1.86
N GLY D 31 5.50 -15.81 -3.19
CA GLY D 31 6.48 -16.57 -3.94
C GLY D 31 5.92 -17.73 -4.74
N PHE D 32 4.59 -17.85 -4.84
CA PHE D 32 3.95 -18.83 -5.71
C PHE D 32 4.01 -18.37 -7.18
N ARG D 33 3.97 -19.35 -8.08
CA ARG D 33 4.13 -19.12 -9.50
C ARG D 33 2.76 -19.26 -10.16
N LEU D 34 2.39 -18.22 -10.89
CA LEU D 34 1.14 -18.29 -11.66
C LEU D 34 1.36 -19.21 -12.85
N VAL D 35 0.55 -20.28 -12.92
CA VAL D 35 0.61 -21.25 -14.01
C VAL D 35 -0.44 -21.03 -15.09
N ALA D 36 -1.63 -20.62 -14.68
CA ALA D 36 -2.72 -20.38 -15.63
C ALA D 36 -3.63 -19.30 -15.09
N MET D 37 -4.34 -18.62 -16.00
CA MET D 37 -5.36 -17.66 -15.60
C MET D 37 -6.26 -17.29 -16.78
N LYS D 38 -7.55 -17.25 -16.50
CA LYS D 38 -8.49 -16.73 -17.47
C LYS D 38 -9.68 -16.13 -16.76
N PHE D 39 -10.57 -15.49 -17.53
CA PHE D 39 -11.65 -14.64 -16.98
C PHE D 39 -12.90 -14.96 -17.80
N LEU D 40 -13.93 -15.40 -17.10
CA LEU D 40 -15.17 -15.88 -17.75
C LEU D 40 -16.34 -15.88 -16.78
N ARG D 41 -17.55 -15.93 -17.33
CA ARG D 41 -18.70 -16.23 -16.52
C ARG D 41 -18.95 -17.72 -16.70
N ALA D 42 -18.71 -18.50 -15.64
CA ALA D 42 -18.88 -19.96 -15.71
C ALA D 42 -20.36 -20.30 -15.73
N SER D 43 -20.78 -21.26 -16.59
CA SER D 43 -22.17 -21.65 -16.63
C SER D 43 -22.64 -22.30 -15.29
N GLU D 44 -23.94 -22.25 -15.05
CA GLU D 44 -24.48 -22.91 -13.87
C GLU D 44 -24.05 -24.39 -13.84
N GLU D 45 -24.01 -25.06 -14.99
CA GLU D 45 -23.61 -26.48 -15.03
C GLU D 45 -22.14 -26.63 -14.66
N HIS D 46 -21.30 -25.74 -15.19
CA HIS D 46 -19.87 -25.76 -14.85
C HIS D 46 -19.71 -25.66 -13.31
N LEU D 47 -20.45 -24.72 -12.71
CA LEU D 47 -20.42 -24.43 -11.28
C LEU D 47 -21.04 -25.58 -10.44
N LYS D 48 -22.11 -26.19 -10.97
CA LYS D 48 -22.65 -27.42 -10.39
C LYS D 48 -21.56 -28.49 -10.31
N GLN D 49 -20.79 -28.71 -11.38
CA GLN D 49 -19.75 -29.73 -11.36
CA GLN D 49 -19.71 -29.71 -11.38
C GLN D 49 -18.57 -29.32 -10.46
N HIS D 50 -18.20 -28.05 -10.48
CA HIS D 50 -17.21 -27.53 -9.55
C HIS D 50 -17.59 -27.90 -8.09
N TYR D 51 -18.85 -27.66 -7.73
CA TYR D 51 -19.33 -27.85 -6.36
C TYR D 51 -20.18 -29.11 -6.20
N ILE D 52 -19.82 -30.16 -6.92
CA ILE D 52 -20.68 -31.36 -7.04
C ILE D 52 -20.91 -32.00 -5.64
N ASP D 53 -19.88 -32.01 -4.80
CA ASP D 53 -20.03 -32.55 -3.43
C ASP D 53 -21.06 -31.84 -2.55
N LEU D 54 -21.44 -30.62 -2.91
CA LEU D 54 -22.33 -29.78 -2.10
C LEU D 54 -23.78 -29.74 -2.63
N LYS D 55 -24.09 -30.60 -3.59
CA LYS D 55 -25.33 -30.49 -4.38
C LYS D 55 -26.62 -30.64 -3.54
N ASP D 56 -26.53 -31.47 -2.49
CA ASP D 56 -27.63 -31.69 -1.55
C ASP D 56 -27.70 -30.72 -0.38
N ARG D 57 -26.70 -29.85 -0.25
CA ARG D 57 -26.76 -28.82 0.79
C ARG D 57 -27.83 -27.77 0.42
N PRO D 58 -28.53 -27.21 1.41
CA PRO D 58 -29.62 -26.27 1.15
C PRO D 58 -29.20 -24.91 0.55
N PHE D 59 -27.96 -24.51 0.78
CA PHE D 59 -27.50 -23.20 0.30
C PHE D 59 -27.03 -23.29 -1.15
N PHE D 60 -27.00 -24.52 -1.67
CA PHE D 60 -26.43 -24.83 -2.98
C PHE D 60 -27.06 -24.08 -4.17
N PRO D 61 -28.40 -23.98 -4.19
CA PRO D 61 -29.10 -23.15 -5.20
C PRO D 61 -28.62 -21.73 -5.26
N GLY D 62 -28.62 -21.05 -4.13
CA GLY D 62 -28.16 -19.67 -4.06
C GLY D 62 -26.68 -19.54 -4.37
N LEU D 63 -25.89 -20.55 -4.00
CA LEU D 63 -24.45 -20.54 -4.26
C LEU D 63 -24.21 -20.53 -5.77
N VAL D 64 -24.80 -21.50 -6.47
CA VAL D 64 -24.68 -21.57 -7.93
C VAL D 64 -25.15 -20.27 -8.61
N LYS D 65 -26.24 -19.68 -8.14
CA LYS D 65 -26.78 -18.41 -8.70
C LYS D 65 -25.85 -17.23 -8.47
N TYR D 66 -25.33 -17.12 -7.26
CA TYR D 66 -24.30 -16.11 -6.95
C TYR D 66 -23.07 -16.28 -7.80
N MET D 67 -22.62 -17.53 -7.94
CA MET D 67 -21.40 -17.83 -8.68
C MET D 67 -21.53 -17.58 -10.19
N ASN D 68 -22.75 -17.67 -10.71
CA ASN D 68 -23.01 -17.36 -12.13
C ASN D 68 -23.43 -15.89 -12.38
N SER D 69 -23.57 -15.11 -11.31
CA SER D 69 -24.10 -13.74 -11.39
C SER D 69 -23.11 -12.67 -11.89
N GLY D 70 -21.83 -13.05 -11.99
CA GLY D 70 -20.86 -12.24 -12.69
C GLY D 70 -19.67 -13.11 -13.07
N PRO D 71 -18.70 -12.53 -13.76
CA PRO D 71 -17.48 -13.23 -14.08
C PRO D 71 -16.63 -13.55 -12.87
N VAL D 72 -15.79 -14.54 -13.08
CA VAL D 72 -14.82 -15.03 -12.16
C VAL D 72 -13.40 -14.96 -12.79
N VAL D 73 -12.36 -14.82 -11.95
CA VAL D 73 -10.99 -14.99 -12.38
C VAL D 73 -10.53 -16.39 -11.93
N ALA D 74 -10.30 -17.28 -12.88
CA ALA D 74 -9.80 -18.64 -12.59
C ALA D 74 -8.29 -18.68 -12.73
N MET D 75 -7.61 -19.28 -11.74
CA MET D 75 -6.15 -19.37 -11.74
C MET D 75 -5.64 -20.71 -11.27
N VAL D 76 -4.45 -21.03 -11.73
CA VAL D 76 -3.66 -22.10 -11.17
C VAL D 76 -2.34 -21.50 -10.68
N TRP D 77 -1.98 -21.84 -9.46
CA TRP D 77 -0.75 -21.42 -8.79
C TRP D 77 0.07 -22.63 -8.35
N GLU D 78 1.38 -22.50 -8.44
CA GLU D 78 2.33 -23.56 -8.16
C GLU D 78 3.29 -23.19 -7.03
N GLY D 79 3.52 -24.18 -6.18
CA GLY D 79 4.61 -24.11 -5.20
C GLY D 79 4.48 -25.14 -4.10
N LEU D 80 5.54 -25.27 -3.32
CA LEU D 80 5.54 -26.17 -2.17
C LEU D 80 4.35 -25.91 -1.24
N ASN D 81 3.60 -26.98 -0.95
CA ASN D 81 2.39 -26.93 -0.11
C ASN D 81 1.41 -25.81 -0.49
N VAL D 82 1.37 -25.45 -1.76
CA VAL D 82 0.49 -24.34 -2.17
C VAL D 82 -0.99 -24.62 -1.88
N VAL D 83 -1.43 -25.89 -1.89
CA VAL D 83 -2.83 -26.16 -1.55
C VAL D 83 -3.16 -25.73 -0.09
N LYS D 84 -2.42 -26.26 0.88
CA LYS D 84 -2.71 -25.98 2.29
C LYS D 84 -2.42 -24.50 2.61
N THR D 85 -1.35 -24.00 2.06
CA THR D 85 -0.87 -22.66 2.33
C THR D 85 -1.84 -21.66 1.64
N GLY D 86 -2.26 -21.97 0.43
CA GLY D 86 -3.33 -21.20 -0.28
C GLY D 86 -4.54 -21.06 0.63
N ARG D 87 -4.98 -22.16 1.22
CA ARG D 87 -6.10 -22.12 2.17
C ARG D 87 -5.91 -21.22 3.42
N VAL D 88 -4.73 -21.28 4.03
CA VAL D 88 -4.41 -20.44 5.19
C VAL D 88 -4.50 -18.98 4.78
N MET D 89 -4.01 -18.70 3.59
CA MET D 89 -4.06 -17.37 2.98
C MET D 89 -5.47 -16.82 2.78
N LEU D 90 -6.38 -17.69 2.39
CA LEU D 90 -7.78 -17.30 2.19
C LEU D 90 -8.48 -16.97 3.48
N GLY D 91 -8.15 -17.69 4.54
CA GLY D 91 -8.89 -17.64 5.80
C GLY D 91 -9.86 -18.81 5.87
N GLU D 92 -10.75 -18.80 6.84
CA GLU D 92 -11.70 -19.92 6.97
C GLU D 92 -12.84 -19.74 5.95
N THR D 93 -13.61 -20.81 5.73
CA THR D 93 -14.78 -20.77 4.84
C THR D 93 -15.70 -19.61 5.19
N ASN D 94 -16.02 -19.50 6.47
CA ASN D 94 -16.75 -18.35 7.00
C ASN D 94 -15.82 -17.18 7.24
N PRO D 95 -15.99 -16.06 6.50
CA PRO D 95 -15.25 -14.83 6.88
C PRO D 95 -15.32 -14.44 8.36
N ALA D 96 -16.41 -14.78 9.06
CA ALA D 96 -16.50 -14.46 10.47
C ALA D 96 -15.42 -15.18 11.31
N ASP D 97 -14.94 -16.35 10.87
CA ASP D 97 -13.88 -17.10 11.59
C ASP D 97 -12.47 -16.80 11.05
N SER D 98 -12.38 -15.92 10.04
CA SER D 98 -11.15 -15.62 9.32
C SER D 98 -10.41 -14.49 10.01
N LYS D 99 -9.09 -14.63 10.17
CA LYS D 99 -8.30 -13.70 10.96
C LYS D 99 -7.90 -12.51 10.06
N PRO D 100 -7.77 -11.32 10.68
CA PRO D 100 -7.14 -10.18 10.03
C PRO D 100 -5.78 -10.64 9.44
N GLY D 101 -5.48 -10.18 8.22
CA GLY D 101 -4.31 -10.63 7.46
C GLY D 101 -4.58 -11.68 6.40
N THR D 102 -5.67 -12.43 6.55
CA THR D 102 -6.19 -13.35 5.53
C THR D 102 -7.04 -12.55 4.51
N ILE D 103 -7.25 -13.09 3.31
CA ILE D 103 -8.06 -12.40 2.30
C ILE D 103 -9.51 -12.18 2.80
N ARG D 104 -10.13 -13.25 3.31
CA ARG D 104 -11.52 -13.13 3.80
C ARG D 104 -11.63 -12.28 5.08
N GLY D 105 -10.63 -12.39 5.97
CA GLY D 105 -10.61 -11.62 7.19
C GLY D 105 -10.55 -10.14 6.85
N ASP D 106 -9.76 -9.79 5.84
CA ASP D 106 -9.50 -8.40 5.54
C ASP D 106 -10.67 -7.81 4.78
N PHE D 107 -11.30 -8.63 3.95
CA PHE D 107 -12.18 -8.08 2.90
C PHE D 107 -13.65 -8.46 2.93
N CYS D 108 -14.08 -9.46 3.69
CA CYS D 108 -15.51 -9.68 3.69
C CYS D 108 -16.08 -10.16 5.01
N ILE D 109 -17.40 -10.37 5.01
CA ILE D 109 -18.20 -10.52 6.22
C ILE D 109 -19.00 -11.83 6.31
N GLN D 110 -19.57 -12.24 5.19
CA GLN D 110 -20.60 -13.25 5.15
C GLN D 110 -20.14 -14.43 4.33
N VAL D 111 -20.48 -15.66 4.77
CA VAL D 111 -20.07 -16.88 4.06
C VAL D 111 -20.60 -16.99 2.61
N GLY D 112 -21.80 -16.47 2.40
CA GLY D 112 -22.43 -16.38 1.09
C GLY D 112 -21.79 -15.41 0.10
N ARG D 113 -20.95 -14.50 0.62
CA ARG D 113 -20.16 -13.57 -0.19
C ARG D 113 -18.71 -13.56 0.30
N ASN D 114 -17.97 -14.60 -0.01
CA ASN D 114 -16.68 -14.82 0.63
C ASN D 114 -15.54 -14.75 -0.38
N ILE D 115 -15.81 -13.99 -1.46
CA ILE D 115 -14.86 -13.50 -2.51
C ILE D 115 -13.87 -14.45 -3.25
N ILE D 116 -13.56 -15.62 -2.72
CA ILE D 116 -12.53 -16.43 -3.32
C ILE D 116 -12.82 -17.91 -3.04
N HIS D 117 -12.26 -18.75 -3.90
CA HIS D 117 -12.20 -20.22 -3.76
C HIS D 117 -10.75 -20.69 -3.81
N GLY D 118 -10.37 -21.63 -2.92
CA GLY D 118 -9.13 -22.43 -3.12
C GLY D 118 -9.36 -23.94 -2.91
N SER D 119 -8.70 -24.75 -3.72
CA SER D 119 -8.83 -26.24 -3.62
C SER D 119 -8.54 -26.69 -2.18
N ASP D 120 -9.35 -27.60 -1.63
CA ASP D 120 -9.14 -28.09 -0.25
C ASP D 120 -8.13 -29.24 -0.06
N SER D 121 -7.68 -29.83 -1.17
CA SER D 121 -6.73 -30.95 -1.19
C SER D 121 -6.04 -31.07 -2.56
N VAL D 122 -4.98 -31.86 -2.64
CA VAL D 122 -4.29 -32.07 -3.90
C VAL D 122 -5.27 -32.77 -4.90
N LYS D 123 -5.99 -33.78 -4.44
CA LYS D 123 -6.88 -34.51 -5.36
C LYS D 123 -8.01 -33.61 -5.87
N SER D 124 -8.51 -32.73 -5.00
CA SER D 124 -9.47 -31.66 -5.39
C SER D 124 -8.86 -30.73 -6.42
N ALA D 125 -7.62 -30.32 -6.19
CA ALA D 125 -6.95 -29.35 -7.05
C ALA D 125 -6.84 -29.91 -8.45
N GLU D 126 -6.39 -31.16 -8.56
CA GLU D 126 -6.21 -31.74 -9.87
C GLU D 126 -7.54 -31.90 -10.59
N LYS D 127 -8.60 -32.25 -9.86
CA LYS D 127 -9.93 -32.34 -10.49
C LYS D 127 -10.41 -30.95 -10.97
N GLU D 128 -10.23 -29.95 -10.10
CA GLU D 128 -10.65 -28.58 -10.44
C GLU D 128 -9.85 -27.96 -11.58
N ILE D 129 -8.55 -28.18 -11.58
CA ILE D 129 -7.69 -27.75 -12.68
C ILE D 129 -8.16 -28.36 -14.00
N SER D 130 -8.51 -29.65 -13.99
CA SER D 130 -8.93 -30.30 -15.22
C SER D 130 -10.27 -29.78 -15.73
N LEU D 131 -11.14 -29.39 -14.81
CA LEU D 131 -12.47 -28.91 -15.15
C LEU D 131 -12.43 -27.48 -15.71
N TRP D 132 -11.55 -26.65 -15.16
CA TRP D 132 -11.53 -25.23 -15.52
C TRP D 132 -10.59 -24.85 -16.66
N PHE D 133 -9.53 -25.64 -16.84
CA PHE D 133 -8.52 -25.39 -17.87
C PHE D 133 -8.29 -26.57 -18.83
N LYS D 134 -8.01 -26.23 -20.08
CA LYS D 134 -7.46 -27.18 -21.03
C LYS D 134 -5.96 -27.32 -20.69
N PRO D 135 -5.38 -28.52 -20.93
CA PRO D 135 -3.97 -28.79 -20.66
C PRO D 135 -3.04 -27.72 -21.24
N GLU D 136 -3.35 -27.29 -22.46
CA GLU D 136 -2.60 -26.28 -23.20
C GLU D 136 -2.56 -24.92 -22.51
N GLU D 137 -3.55 -24.64 -21.66
CA GLU D 137 -3.62 -23.38 -20.93
C GLU D 137 -2.72 -23.27 -19.71
N LEU D 138 -2.10 -24.39 -19.32
CA LEU D 138 -1.20 -24.43 -18.19
C LEU D 138 0.21 -24.18 -18.69
N VAL D 139 0.79 -23.06 -18.27
CA VAL D 139 2.03 -22.63 -18.82
C VAL D 139 3.16 -23.15 -17.96
N ASP D 140 4.06 -23.87 -18.60
CA ASP D 140 5.32 -24.33 -18.00
C ASP D 140 6.43 -23.29 -18.24
N TYR D 141 6.79 -22.56 -17.18
CA TYR D 141 8.00 -21.71 -17.19
C TYR D 141 8.71 -21.79 -15.82
N LYS D 142 9.88 -21.18 -15.72
CA LYS D 142 10.60 -21.09 -14.45
C LYS D 142 10.62 -19.65 -13.92
N SER D 143 10.27 -19.52 -12.64
CA SER D 143 10.31 -18.23 -11.95
C SER D 143 11.75 -17.78 -11.68
N CYS D 144 12.04 -16.52 -12.01
N CYS D 144 12.04 -16.52 -12.04
CA CYS D 144 13.37 -15.94 -11.78
CA CYS D 144 13.34 -15.84 -11.76
C CYS D 144 13.79 -15.95 -10.29
C CYS D 144 13.78 -15.95 -10.30
N ALA D 145 12.80 -15.89 -9.39
CA ALA D 145 13.06 -15.90 -7.96
C ALA D 145 13.28 -17.29 -7.37
N HIS D 146 13.06 -18.33 -8.17
CA HIS D 146 12.99 -19.70 -7.64
C HIS D 146 14.10 -20.01 -6.63
N ASP D 147 15.35 -19.79 -7.04
CA ASP D 147 16.49 -20.14 -6.15
C ASP D 147 16.65 -19.21 -4.92
N TRP D 148 15.95 -18.07 -4.93
CA TRP D 148 15.82 -17.22 -3.74
C TRP D 148 14.58 -17.56 -2.89
N VAL D 149 13.67 -18.35 -3.45
CA VAL D 149 12.51 -18.87 -2.72
C VAL D 149 12.69 -20.31 -2.23
N TYR D 150 13.47 -21.12 -2.94
CA TYR D 150 13.72 -22.49 -2.59
C TYR D 150 15.21 -22.85 -2.49
N GLU D 151 15.53 -23.60 -1.44
CA GLU D 151 16.81 -24.34 -1.32
C GLU D 151 17.11 -25.17 -2.57
N ALA E 1 10.55 -1.87 30.57
CA ALA E 1 11.65 -2.33 29.78
C ALA E 1 11.78 -1.66 28.37
N ASN E 2 11.53 -0.35 28.34
CA ASN E 2 11.33 0.41 27.13
C ASN E 2 12.62 0.54 26.30
N LEU E 3 13.72 0.11 26.86
CA LEU E 3 15.01 0.24 26.26
C LEU E 3 15.58 -1.10 25.80
N GLU E 4 14.77 -2.14 25.92
CA GLU E 4 15.07 -3.36 25.23
C GLU E 4 15.50 -3.13 23.76
N ARG E 5 16.46 -3.91 23.33
CA ARG E 5 16.90 -3.92 21.94
C ARG E 5 16.88 -5.35 21.40
N THR E 6 16.74 -5.46 20.08
CA THR E 6 16.89 -6.75 19.36
C THR E 6 17.70 -6.56 18.09
N PHE E 7 18.30 -7.65 17.63
CA PHE E 7 19.01 -7.69 16.37
C PHE E 7 18.09 -8.31 15.29
N ILE E 8 17.86 -7.56 14.22
CA ILE E 8 17.08 -8.03 13.05
C ILE E 8 18.00 -7.99 11.84
N ALA E 9 18.10 -9.10 11.09
CA ALA E 9 18.84 -9.14 9.84
C ALA E 9 17.93 -9.60 8.68
N ILE E 10 17.95 -8.84 7.62
CA ILE E 10 17.30 -9.21 6.38
C ILE E 10 18.31 -10.06 5.61
N LYS E 11 17.93 -11.31 5.40
CA LYS E 11 18.80 -12.31 4.74
C LYS E 11 18.95 -12.07 3.22
N PRO E 12 19.94 -12.72 2.57
CA PRO E 12 20.17 -12.42 1.16
C PRO E 12 18.93 -12.53 0.28
N ASP E 13 18.03 -13.44 0.60
CA ASP E 13 16.82 -13.65 -0.18
C ASP E 13 15.89 -12.44 -0.01
N GLY E 14 15.79 -11.94 1.23
CA GLY E 14 15.03 -10.71 1.52
C GLY E 14 15.51 -9.53 0.68
N VAL E 15 16.83 -9.32 0.62
CA VAL E 15 17.44 -8.28 -0.21
C VAL E 15 17.17 -8.53 -1.72
N GLN E 16 17.42 -9.75 -2.17
CA GLN E 16 17.26 -10.09 -3.57
C GLN E 16 15.83 -9.97 -4.10
N ARG E 17 14.84 -10.25 -3.23
CA ARG E 17 13.42 -10.27 -3.59
C ARG E 17 12.77 -8.88 -3.39
N GLY E 18 13.61 -7.89 -3.11
CA GLY E 18 13.18 -6.49 -2.94
C GLY E 18 12.25 -6.23 -1.76
N LEU E 19 12.55 -6.82 -0.61
CA LEU E 19 11.71 -6.67 0.55
C LEU E 19 12.31 -5.78 1.65
N VAL E 20 13.40 -5.08 1.37
CA VAL E 20 14.06 -4.31 2.41
C VAL E 20 13.15 -3.21 2.94
N GLY E 21 12.60 -2.37 2.06
CA GLY E 21 11.78 -1.26 2.57
C GLY E 21 10.47 -1.74 3.21
N GLU E 22 9.87 -2.79 2.63
CA GLU E 22 8.70 -3.38 3.22
C GLU E 22 8.93 -3.84 4.67
N ILE E 23 10.04 -4.52 4.94
CA ILE E 23 10.37 -5.00 6.29
C ILE E 23 10.60 -3.84 7.29
N ILE E 24 11.35 -2.83 6.84
CA ILE E 24 11.73 -1.73 7.69
C ILE E 24 10.49 -0.95 8.06
N LYS E 25 9.60 -0.74 7.08
CA LYS E 25 8.30 -0.06 7.30
C LYS E 25 7.48 -0.74 8.39
N ARG E 26 7.46 -2.07 8.40
CA ARG E 26 6.72 -2.77 9.45
C ARG E 26 7.22 -2.47 10.84
N PHE E 27 8.54 -2.38 11.01
CA PHE E 27 9.12 -2.03 12.33
C PHE E 27 8.89 -0.57 12.68
N GLU E 28 9.02 0.30 11.68
CA GLU E 28 8.82 1.72 11.88
C GLU E 28 7.38 1.98 12.30
N GLN E 29 6.44 1.43 11.52
N GLN E 29 6.41 1.44 11.56
CA GLN E 29 4.99 1.56 11.75
CA GLN E 29 5.00 1.74 11.85
C GLN E 29 4.53 1.15 13.14
C GLN E 29 4.48 1.13 13.15
N LYS E 30 5.16 0.10 13.65
CA LYS E 30 4.87 -0.48 14.99
C LYS E 30 5.27 0.47 16.16
N GLY E 31 6.16 1.42 15.92
CA GLY E 31 6.65 2.33 16.97
C GLY E 31 8.03 2.03 17.52
N PHE E 32 8.72 0.99 17.01
CA PHE E 32 10.12 0.72 17.37
C PHE E 32 11.15 1.73 16.80
N ARG E 33 12.20 2.02 17.57
CA ARG E 33 13.23 3.00 17.17
C ARG E 33 14.38 2.25 16.52
N LEU E 34 14.71 2.66 15.30
CA LEU E 34 15.90 2.15 14.64
C LEU E 34 17.15 2.71 15.31
N VAL E 35 18.02 1.82 15.82
CA VAL E 35 19.24 2.26 16.53
C VAL E 35 20.55 2.16 15.74
N ALA E 36 20.64 1.13 14.89
CA ALA E 36 21.82 0.86 14.07
C ALA E 36 21.38 0.17 12.78
N MET E 37 22.11 0.40 11.71
CA MET E 37 21.79 -0.27 10.45
C MET E 37 22.99 -0.21 9.54
N LYS E 38 23.34 -1.36 9.00
CA LYS E 38 24.39 -1.46 7.99
C LYS E 38 24.08 -2.57 6.97
N PHE E 39 24.80 -2.55 5.87
CA PHE E 39 24.55 -3.40 4.73
C PHE E 39 25.90 -4.00 4.29
N LEU E 40 26.03 -5.32 4.34
CA LEU E 40 27.32 -5.97 4.08
C LEU E 40 27.15 -7.43 3.62
N ARG E 41 28.16 -7.96 2.94
CA ARG E 41 28.24 -9.39 2.71
C ARG E 41 29.04 -9.92 3.92
N ALA E 42 28.36 -10.59 4.84
CA ALA E 42 29.00 -11.15 6.04
C ALA E 42 29.88 -12.35 5.65
N SER E 43 31.09 -12.40 6.22
CA SER E 43 32.02 -13.50 5.93
C SER E 43 31.49 -14.81 6.49
N GLU E 44 31.95 -15.92 5.92
CA GLU E 44 31.58 -17.25 6.43
C GLU E 44 31.90 -17.43 7.93
N GLU E 45 33.08 -16.95 8.34
CA GLU E 45 33.52 -17.00 9.76
C GLU E 45 32.59 -16.19 10.67
N HIS E 46 32.22 -14.97 10.22
CA HIS E 46 31.24 -14.14 10.96
C HIS E 46 29.89 -14.87 11.13
N LEU E 47 29.43 -15.51 10.06
CA LEU E 47 28.16 -16.25 10.09
C LEU E 47 28.20 -17.50 11.00
N LYS E 48 29.33 -18.20 10.98
CA LYS E 48 29.56 -19.32 11.89
C LYS E 48 29.49 -18.90 13.37
N GLN E 49 30.02 -17.71 13.69
CA GLN E 49 29.84 -17.15 15.04
C GLN E 49 28.38 -16.80 15.32
N HIS E 50 27.71 -16.17 14.36
CA HIS E 50 26.31 -15.81 14.53
C HIS E 50 25.46 -17.03 14.86
N TYR E 51 25.68 -18.10 14.09
CA TYR E 51 24.91 -19.33 14.21
C TYR E 51 25.68 -20.44 14.97
N ILE E 52 26.59 -20.04 15.87
CA ILE E 52 27.50 -21.00 16.54
C ILE E 52 26.72 -22.13 17.24
N ASP E 53 25.56 -21.80 17.81
CA ASP E 53 24.70 -22.79 18.47
C ASP E 53 24.20 -23.90 17.54
N LEU E 54 24.24 -23.66 16.23
CA LEU E 54 23.78 -24.62 15.22
C LEU E 54 24.92 -25.37 14.50
N LYS E 55 26.17 -25.16 14.90
CA LYS E 55 27.33 -25.70 14.14
C LYS E 55 27.27 -27.22 13.87
N ASP E 56 26.57 -27.99 14.71
CA ASP E 56 26.47 -29.45 14.51
C ASP E 56 25.23 -29.94 13.74
N ARG E 57 24.29 -29.06 13.42
CA ARG E 57 23.09 -29.47 12.70
C ARG E 57 23.40 -29.74 11.22
N PRO E 58 22.64 -30.65 10.58
CA PRO E 58 23.02 -31.04 9.20
C PRO E 58 22.87 -29.90 8.19
N PHE E 59 21.99 -28.94 8.47
CA PHE E 59 21.72 -27.85 7.56
C PHE E 59 22.70 -26.65 7.72
N PHE E 60 23.57 -26.72 8.72
CA PHE E 60 24.53 -25.65 9.00
C PHE E 60 25.41 -25.17 7.83
N PRO E 61 26.14 -26.09 7.16
CA PRO E 61 26.99 -25.60 6.07
C PRO E 61 26.21 -24.93 4.94
N GLY E 62 25.09 -25.53 4.54
CA GLY E 62 24.16 -24.93 3.59
C GLY E 62 23.72 -23.55 4.03
N LEU E 63 23.30 -23.46 5.31
CA LEU E 63 22.84 -22.20 5.93
C LEU E 63 23.91 -21.11 5.84
N VAL E 64 25.13 -21.45 6.25
CA VAL E 64 26.24 -20.53 6.15
C VAL E 64 26.53 -20.07 4.70
N LYS E 65 26.64 -21.03 3.78
CA LYS E 65 26.96 -20.70 2.39
C LYS E 65 25.89 -19.75 1.80
N TYR E 66 24.61 -19.99 2.12
CA TYR E 66 23.49 -19.14 1.63
C TYR E 66 23.57 -17.76 2.24
N MET E 67 23.88 -17.71 3.53
CA MET E 67 23.97 -16.42 4.27
C MET E 67 25.11 -15.53 3.73
N ASN E 68 26.12 -16.17 3.14
CA ASN E 68 27.26 -15.51 2.51
C ASN E 68 27.03 -15.21 1.02
N SER E 69 25.93 -15.71 0.46
CA SER E 69 25.70 -15.67 -0.98
C SER E 69 25.19 -14.31 -1.48
N GLY E 70 24.92 -13.38 -0.56
CA GLY E 70 24.52 -12.05 -0.95
C GLY E 70 24.65 -11.15 0.24
N PRO E 71 24.51 -9.85 0.03
CA PRO E 71 24.45 -8.97 1.21
C PRO E 71 23.24 -9.19 2.14
N VAL E 72 23.43 -8.83 3.40
CA VAL E 72 22.35 -8.70 4.38
C VAL E 72 22.23 -7.28 4.89
N VAL E 73 21.04 -6.96 5.38
CA VAL E 73 20.81 -5.72 6.10
C VAL E 73 20.78 -6.02 7.59
N ALA E 74 21.80 -5.54 8.32
CA ALA E 74 21.87 -5.76 9.77
C ALA E 74 21.27 -4.56 10.49
N MET E 75 20.39 -4.82 11.45
CA MET E 75 19.75 -3.75 12.22
C MET E 75 19.61 -4.03 13.70
N VAL E 76 19.60 -2.94 14.47
CA VAL E 76 19.24 -2.94 15.87
C VAL E 76 17.98 -2.10 16.07
N TRP E 77 16.93 -2.73 16.59
CA TRP E 77 15.69 -2.07 16.94
C TRP E 77 15.49 -2.06 18.46
N GLU E 78 14.92 -0.95 18.97
CA GLU E 78 14.67 -0.74 20.39
C GLU E 78 13.18 -0.48 20.68
N GLY E 79 12.73 -1.02 21.81
CA GLY E 79 11.39 -0.77 22.31
C GLY E 79 10.96 -1.81 23.34
N LEU E 80 9.84 -1.50 23.98
CA LEU E 80 9.28 -2.38 25.01
C LEU E 80 8.95 -3.73 24.37
N ASN E 81 9.55 -4.79 24.92
CA ASN E 81 9.34 -6.18 24.46
C ASN E 81 9.63 -6.42 22.99
N VAL E 82 10.58 -5.66 22.45
CA VAL E 82 10.95 -5.73 21.05
C VAL E 82 11.46 -7.10 20.65
N VAL E 83 12.08 -7.83 21.58
CA VAL E 83 12.62 -9.14 21.23
C VAL E 83 11.47 -10.08 20.89
N LYS E 84 10.55 -10.25 21.84
CA LYS E 84 9.40 -11.12 21.68
C LYS E 84 8.44 -10.64 20.58
N THR E 85 8.14 -9.35 20.59
CA THR E 85 7.25 -8.75 19.58
C THR E 85 7.86 -8.82 18.16
N GLY E 86 9.17 -8.57 18.04
CA GLY E 86 9.91 -8.78 16.78
C GLY E 86 9.72 -10.19 16.24
N ARG E 87 9.93 -11.17 17.12
CA ARG E 87 9.66 -12.59 16.82
C ARG E 87 8.25 -12.85 16.29
N VAL E 88 7.26 -12.26 16.94
CA VAL E 88 5.85 -12.39 16.53
C VAL E 88 5.65 -11.84 15.12
N MET E 89 6.24 -10.67 14.89
CA MET E 89 6.19 -9.96 13.61
C MET E 89 6.80 -10.74 12.46
N LEU E 90 7.90 -11.48 12.72
CA LEU E 90 8.55 -12.28 11.69
C LEU E 90 7.70 -13.49 11.36
N GLY E 91 7.07 -14.05 12.39
CA GLY E 91 6.35 -15.33 12.28
C GLY E 91 7.26 -16.47 12.71
N GLU E 92 6.81 -17.71 12.56
CA GLU E 92 7.57 -18.89 12.94
C GLU E 92 8.80 -19.09 12.08
N THR E 93 9.81 -19.78 12.62
CA THR E 93 11.00 -20.13 11.86
C THR E 93 10.66 -20.68 10.49
N ASN E 94 9.74 -21.65 10.47
CA ASN E 94 9.31 -22.27 9.23
C ASN E 94 8.19 -21.40 8.66
N PRO E 95 8.38 -20.82 7.45
CA PRO E 95 7.31 -20.06 6.81
C PRO E 95 5.98 -20.83 6.70
N ALA E 96 6.03 -22.16 6.57
CA ALA E 96 4.82 -22.98 6.49
C ALA E 96 3.90 -22.84 7.72
N ASP E 97 4.48 -22.53 8.88
CA ASP E 97 3.71 -22.32 10.12
C ASP E 97 3.46 -20.84 10.45
N SER E 98 3.95 -19.94 9.61
CA SER E 98 3.84 -18.53 9.88
C SER E 98 2.48 -17.99 9.40
N LYS E 99 1.82 -17.20 10.24
CA LYS E 99 0.48 -16.73 9.95
C LYS E 99 0.50 -15.59 8.91
N PRO E 100 -0.55 -15.50 8.08
CA PRO E 100 -0.72 -14.33 7.23
C PRO E 100 -0.70 -13.09 8.11
N GLY E 101 -0.04 -12.06 7.62
CA GLY E 101 0.18 -10.84 8.37
C GLY E 101 1.55 -10.71 8.95
N THR E 102 2.19 -11.86 9.19
CA THR E 102 3.61 -11.88 9.57
C THR E 102 4.51 -11.71 8.33
N ILE E 103 5.77 -11.32 8.54
CA ILE E 103 6.72 -11.17 7.44
C ILE E 103 6.89 -12.51 6.67
N ARG E 104 7.24 -13.60 7.35
CA ARG E 104 7.43 -14.87 6.63
C ARG E 104 6.08 -15.41 6.12
N GLY E 105 5.01 -15.21 6.87
CA GLY E 105 3.66 -15.62 6.43
C GLY E 105 3.24 -14.97 5.12
N ASP E 106 3.57 -13.69 4.99
CA ASP E 106 3.22 -12.96 3.79
C ASP E 106 4.16 -13.22 2.63
N PHE E 107 5.45 -13.46 2.91
CA PHE E 107 6.47 -13.37 1.86
C PHE E 107 7.30 -14.60 1.55
N CYS E 108 7.23 -15.68 2.29
CA CYS E 108 8.07 -16.80 1.90
C CYS E 108 7.46 -18.16 2.21
N ILE E 109 8.13 -19.17 1.70
CA ILE E 109 7.56 -20.48 1.62
C ILE E 109 8.39 -21.54 2.35
N GLN E 110 9.70 -21.49 2.24
CA GLN E 110 10.62 -22.57 2.70
C GLN E 110 11.56 -22.12 3.84
N VAL E 111 11.86 -23.02 4.79
CA VAL E 111 12.68 -22.65 5.97
C VAL E 111 14.12 -22.22 5.61
N GLY E 112 14.67 -22.83 4.56
CA GLY E 112 15.99 -22.50 4.05
C GLY E 112 16.07 -21.15 3.32
N ARG E 113 14.92 -20.59 2.95
CA ARG E 113 14.84 -19.24 2.37
C ARG E 113 13.76 -18.47 3.14
N ASN E 114 14.07 -18.14 4.40
CA ASN E 114 13.07 -17.53 5.27
C ASN E 114 13.28 -16.04 5.57
N ILE E 115 14.03 -15.40 4.66
CA ILE E 115 14.18 -13.93 4.40
C ILE E 115 14.67 -13.06 5.56
N ILE E 116 14.59 -13.51 6.79
CA ILE E 116 14.87 -12.62 7.94
C ILE E 116 15.31 -13.40 9.19
N HIS E 117 16.12 -12.75 10.02
CA HIS E 117 16.50 -13.25 11.34
C HIS E 117 16.09 -12.23 12.40
N GLY E 118 15.58 -12.71 13.55
CA GLY E 118 15.43 -11.87 14.74
C GLY E 118 15.98 -12.64 15.95
N SER E 119 16.62 -11.93 16.88
CA SER E 119 17.11 -12.57 18.11
C SER E 119 15.98 -13.28 18.87
N ASP E 120 16.31 -14.47 19.40
CA ASP E 120 15.30 -15.25 20.12
C ASP E 120 15.14 -14.92 21.61
N SER E 121 16.05 -14.11 22.18
CA SER E 121 16.00 -13.73 23.61
C SER E 121 16.82 -12.47 23.84
N VAL E 122 16.63 -11.83 24.97
CA VAL E 122 17.51 -10.71 25.34
C VAL E 122 18.99 -11.11 25.32
N LYS E 123 19.34 -12.23 25.95
CA LYS E 123 20.73 -12.67 25.96
C LYS E 123 21.31 -12.89 24.54
N SER E 124 20.53 -13.51 23.66
CA SER E 124 20.95 -13.69 22.28
C SER E 124 21.10 -12.34 21.57
N ALA E 125 20.13 -11.47 21.81
CA ALA E 125 20.14 -10.10 21.24
C ALA E 125 21.44 -9.38 21.62
N GLU E 126 21.79 -9.42 22.90
CA GLU E 126 23.01 -8.76 23.35
C GLU E 126 24.26 -9.32 22.68
N LYS E 127 24.34 -10.65 22.55
CA LYS E 127 25.45 -11.28 21.86
C LYS E 127 25.52 -10.87 20.39
N GLU E 128 24.37 -10.96 19.71
CA GLU E 128 24.29 -10.63 18.30
C GLU E 128 24.64 -9.15 18.01
N ILE E 129 24.13 -8.24 18.80
CA ILE E 129 24.39 -6.79 18.63
C ILE E 129 25.90 -6.51 18.76
N SER E 130 26.51 -7.07 19.80
CA SER E 130 27.98 -7.01 19.98
C SER E 130 28.75 -7.60 18.78
N LEU E 131 28.32 -8.75 18.27
CA LEU E 131 28.98 -9.38 17.14
C LEU E 131 28.92 -8.52 15.90
N TRP E 132 27.75 -7.95 15.62
CA TRP E 132 27.51 -7.30 14.33
C TRP E 132 27.84 -5.83 14.24
N PHE E 133 27.81 -5.14 15.37
CA PHE E 133 28.04 -3.70 15.39
C PHE E 133 29.18 -3.26 16.33
N LYS E 134 29.85 -2.22 15.90
CA LYS E 134 30.77 -1.45 16.76
C LYS E 134 29.92 -0.54 17.65
N PRO E 135 30.40 -0.26 18.88
CA PRO E 135 29.57 0.52 19.81
C PRO E 135 29.20 1.92 19.27
N GLU E 136 30.09 2.49 18.48
CA GLU E 136 29.87 3.83 17.90
C GLU E 136 28.78 3.80 16.81
N GLU E 137 28.52 2.61 16.26
CA GLU E 137 27.46 2.42 15.27
C GLU E 137 26.03 2.38 15.84
N LEU E 138 25.90 2.34 17.17
CA LEU E 138 24.61 2.43 17.81
C LEU E 138 24.27 3.91 18.07
N VAL E 139 23.28 4.42 17.35
CA VAL E 139 22.97 5.87 17.36
C VAL E 139 22.10 6.30 18.51
N ASP E 140 22.52 7.38 19.18
CA ASP E 140 21.78 7.92 20.30
C ASP E 140 20.91 9.08 19.77
N TYR E 141 19.60 8.92 19.89
CA TYR E 141 18.64 9.99 19.55
C TYR E 141 17.29 9.59 20.14
N LYS E 142 16.39 10.57 20.26
CA LYS E 142 15.03 10.32 20.77
C LYS E 142 14.02 10.31 19.63
N SER E 143 13.18 9.26 19.55
CA SER E 143 12.13 9.18 18.50
C SER E 143 11.06 10.27 18.73
N CYS E 144 10.75 11.00 17.65
N CYS E 144 10.71 11.01 17.68
CA CYS E 144 9.65 11.99 17.53
CA CYS E 144 9.68 12.07 17.76
C CYS E 144 8.39 11.56 18.29
C CYS E 144 8.37 11.55 18.37
N ALA E 145 7.97 10.34 18.00
CA ALA E 145 6.67 9.81 18.40
C ALA E 145 6.68 9.19 19.79
N HIS E 146 7.83 9.17 20.46
CA HIS E 146 7.94 8.38 21.70
C HIS E 146 6.77 8.62 22.67
N ASP E 147 6.46 9.89 22.96
CA ASP E 147 5.39 10.21 23.93
C ASP E 147 3.98 9.91 23.40
N TRP E 148 3.86 9.53 22.14
CA TRP E 148 2.60 9.02 21.59
C TRP E 148 2.53 7.49 21.51
N VAL E 149 3.67 6.83 21.68
CA VAL E 149 3.76 5.36 21.70
C VAL E 149 3.86 4.84 23.14
N TYR E 150 4.40 5.65 24.06
CA TYR E 150 4.61 5.25 25.46
C TYR E 150 3.97 6.25 26.42
N GLU E 151 3.38 5.72 27.49
CA GLU E 151 3.02 6.47 28.68
C GLU E 151 4.29 7.01 29.35
N ALA F 1 -27.84 -9.03 13.64
CA ALA F 1 -28.14 -9.01 12.19
C ALA F 1 -27.38 -7.85 11.52
N ASN F 2 -27.67 -7.68 10.23
CA ASN F 2 -26.94 -6.79 9.31
C ASN F 2 -27.03 -5.28 9.64
N LEU F 3 -27.96 -4.88 10.51
CA LEU F 3 -28.12 -3.46 10.91
C LEU F 3 -27.42 -3.14 12.22
N GLU F 4 -26.67 -4.10 12.78
CA GLU F 4 -25.86 -3.82 13.97
C GLU F 4 -24.91 -2.66 13.73
N ARG F 5 -24.65 -1.89 14.77
CA ARG F 5 -23.71 -0.77 14.71
C ARG F 5 -22.78 -0.81 15.91
N THR F 6 -21.61 -0.19 15.72
CA THR F 6 -20.61 -0.05 16.77
C THR F 6 -20.00 1.34 16.75
N PHE F 7 -19.45 1.72 17.87
CA PHE F 7 -18.79 2.99 18.04
C PHE F 7 -17.29 2.73 17.99
N ILE F 8 -16.63 3.38 17.03
CA ILE F 8 -15.18 3.32 16.92
C ILE F 8 -14.61 4.74 17.07
N ALA F 9 -13.59 4.88 17.90
CA ALA F 9 -12.90 6.16 18.10
C ALA F 9 -11.41 5.97 17.90
N ILE F 10 -10.80 6.83 17.07
CA ILE F 10 -9.36 6.87 16.92
C ILE F 10 -8.86 7.88 18.01
N LYS F 11 -8.08 7.34 18.94
CA LYS F 11 -7.55 8.06 20.08
C LYS F 11 -6.50 9.09 19.64
N PRO F 12 -6.18 10.05 20.54
CA PRO F 12 -5.26 11.15 20.17
C PRO F 12 -3.93 10.65 19.56
N ASP F 13 -3.40 9.54 20.06
CA ASP F 13 -2.18 8.92 19.51
C ASP F 13 -2.34 8.44 18.04
N GLY F 14 -3.50 7.91 17.73
CA GLY F 14 -3.84 7.50 16.37
C GLY F 14 -3.89 8.68 15.45
N VAL F 15 -4.49 9.79 15.90
CA VAL F 15 -4.49 11.04 15.10
C VAL F 15 -3.06 11.56 14.97
N GLN F 16 -2.33 11.68 16.07
CA GLN F 16 -1.01 12.28 16.03
C GLN F 16 0.01 11.51 15.20
N ARG F 17 -0.16 10.20 15.16
CA ARG F 17 0.73 9.32 14.39
C ARG F 17 0.32 9.12 12.94
N GLY F 18 -0.75 9.82 12.51
CA GLY F 18 -1.12 9.88 11.11
C GLY F 18 -1.80 8.60 10.63
N LEU F 19 -2.59 7.99 11.49
CA LEU F 19 -3.24 6.69 11.20
C LEU F 19 -4.74 6.73 10.88
N VAL F 20 -5.32 7.93 10.77
CA VAL F 20 -6.73 8.07 10.53
C VAL F 20 -7.20 7.36 9.23
N GLY F 21 -6.53 7.66 8.10
CA GLY F 21 -6.93 7.07 6.83
C GLY F 21 -6.72 5.56 6.82
N GLU F 22 -5.58 5.13 7.35
N GLU F 22 -5.57 5.13 7.33
CA GLU F 22 -5.24 3.70 7.41
CA GLU F 22 -5.24 3.69 7.42
C GLU F 22 -6.26 2.89 8.20
C GLU F 22 -6.37 2.95 8.13
N ILE F 23 -6.74 3.46 9.30
CA ILE F 23 -7.79 2.86 10.12
C ILE F 23 -9.12 2.82 9.37
N ILE F 24 -9.55 3.95 8.80
CA ILE F 24 -10.79 4.01 8.06
C ILE F 24 -10.80 3.02 6.89
N LYS F 25 -9.67 2.93 6.18
CA LYS F 25 -9.56 2.05 5.03
C LYS F 25 -9.84 0.59 5.46
N ARG F 26 -9.39 0.22 6.64
CA ARG F 26 -9.59 -1.18 7.11
C ARG F 26 -11.05 -1.52 7.28
N PHE F 27 -11.85 -0.57 7.78
CA PHE F 27 -13.27 -0.76 7.95
C PHE F 27 -13.98 -0.70 6.61
N GLU F 28 -13.61 0.27 5.75
CA GLU F 28 -14.20 0.32 4.41
C GLU F 28 -14.01 -0.96 3.62
N GLN F 29 -12.76 -1.43 3.55
CA GLN F 29 -12.40 -2.56 2.71
C GLN F 29 -12.98 -3.87 3.24
N LYS F 30 -13.26 -3.92 4.54
CA LYS F 30 -13.96 -5.08 5.15
C LYS F 30 -15.43 -5.20 4.71
N GLY F 31 -16.03 -4.08 4.29
CA GLY F 31 -17.40 -4.05 3.83
C GLY F 31 -18.37 -3.45 4.82
N PHE F 32 -17.87 -2.81 5.87
CA PHE F 32 -18.75 -2.14 6.82
C PHE F 32 -19.16 -0.74 6.30
N ARG F 33 -20.33 -0.27 6.72
CA ARG F 33 -20.85 1.05 6.28
C ARG F 33 -20.54 2.10 7.30
N LEU F 34 -19.91 3.18 6.86
CA LEU F 34 -19.75 4.34 7.71
C LEU F 34 -21.11 5.03 7.86
N VAL F 35 -21.56 5.15 9.10
CA VAL F 35 -22.83 5.77 9.42
C VAL F 35 -22.67 7.21 9.95
N ALA F 36 -21.64 7.49 10.73
CA ALA F 36 -21.43 8.81 11.30
C ALA F 36 -19.94 9.02 11.59
N MET F 37 -19.51 10.28 11.57
CA MET F 37 -18.10 10.62 11.80
C MET F 37 -17.92 12.09 12.13
N LYS F 38 -17.13 12.36 13.16
CA LYS F 38 -16.72 13.73 13.52
C LYS F 38 -15.40 13.73 14.26
N PHE F 39 -14.84 14.91 14.39
CA PHE F 39 -13.50 15.10 14.85
C PHE F 39 -13.58 16.18 15.91
N LEU F 40 -13.10 15.87 17.11
CA LEU F 40 -13.25 16.81 18.22
C LEU F 40 -12.26 16.50 19.30
N ARG F 41 -12.01 17.49 20.16
CA ARG F 41 -11.33 17.27 21.42
CA ARG F 41 -11.33 17.24 21.42
C ARG F 41 -12.40 16.96 22.47
N ALA F 42 -12.49 15.72 22.93
CA ALA F 42 -13.53 15.32 23.89
C ALA F 42 -13.22 15.93 25.26
N SER F 43 -14.24 16.49 25.94
CA SER F 43 -14.01 17.10 27.28
C SER F 43 -13.67 16.04 28.30
N GLU F 44 -13.03 16.44 29.40
CA GLU F 44 -12.68 15.45 30.44
C GLU F 44 -13.96 14.78 30.96
N GLU F 45 -15.04 15.56 31.10
CA GLU F 45 -16.33 15.01 31.56
C GLU F 45 -16.90 13.93 30.63
N HIS F 46 -16.99 14.29 29.35
CA HIS F 46 -17.38 13.39 28.27
C HIS F 46 -16.58 12.07 28.31
N LEU F 47 -15.27 12.19 28.54
CA LEU F 47 -14.36 11.05 28.61
C LEU F 47 -14.54 10.14 29.87
N LYS F 48 -14.80 10.80 30.99
CA LYS F 48 -15.17 10.14 32.24
C LYS F 48 -16.44 9.34 32.07
N GLN F 49 -17.45 9.92 31.42
CA GLN F 49 -18.69 9.20 31.09
C GLN F 49 -18.45 8.04 30.13
N HIS F 50 -17.66 8.25 29.08
CA HIS F 50 -17.35 7.15 28.16
C HIS F 50 -16.73 5.95 28.89
N TYR F 51 -15.86 6.23 29.85
CA TYR F 51 -15.15 5.19 30.58
C TYR F 51 -15.63 5.05 32.03
N ILE F 52 -16.92 5.29 32.24
CA ILE F 52 -17.49 5.35 33.59
C ILE F 52 -17.24 4.06 34.38
N ASP F 53 -17.32 2.90 33.71
CA ASP F 53 -17.02 1.60 34.36
C ASP F 53 -15.59 1.48 34.92
N LEU F 54 -14.68 2.34 34.47
CA LEU F 54 -13.28 2.28 34.90
C LEU F 54 -12.91 3.39 35.88
N LYS F 55 -13.91 4.15 36.35
CA LYS F 55 -13.68 5.36 37.14
C LYS F 55 -12.77 5.13 38.36
N ASP F 56 -12.84 3.93 38.96
CA ASP F 56 -12.01 3.65 40.14
C ASP F 56 -10.72 2.85 39.88
N ARG F 57 -10.37 2.64 38.61
CA ARG F 57 -9.12 1.96 38.29
C ARG F 57 -7.93 2.89 38.49
N PRO F 58 -6.77 2.32 38.83
CA PRO F 58 -5.62 3.17 39.10
C PRO F 58 -5.20 4.01 37.89
N PHE F 59 -5.38 3.48 36.69
CA PHE F 59 -4.92 4.16 35.47
C PHE F 59 -5.90 5.21 34.93
N PHE F 60 -7.08 5.29 35.53
CA PHE F 60 -8.17 6.14 35.00
C PHE F 60 -7.83 7.64 34.87
N PRO F 61 -7.22 8.26 35.89
CA PRO F 61 -6.76 9.65 35.69
C PRO F 61 -5.84 9.87 34.48
N GLY F 62 -4.84 9.00 34.30
CA GLY F 62 -3.93 9.06 33.13
C GLY F 62 -4.68 8.81 31.82
N LEU F 63 -5.64 7.88 31.89
CA LEU F 63 -6.49 7.54 30.75
C LEU F 63 -7.28 8.75 30.27
N VAL F 64 -7.95 9.42 31.22
CA VAL F 64 -8.79 10.58 30.89
C VAL F 64 -7.95 11.75 30.37
N LYS F 65 -6.75 11.92 30.93
CA LYS F 65 -5.86 13.01 30.52
C LYS F 65 -5.34 12.80 29.12
N TYR F 66 -4.78 11.61 28.88
CA TYR F 66 -4.33 11.16 27.56
C TYR F 66 -5.43 11.34 26.53
N MET F 67 -6.64 10.87 26.83
CA MET F 67 -7.75 10.95 25.89
C MET F 67 -8.19 12.38 25.60
N ASN F 68 -7.85 13.31 26.48
CA ASN F 68 -8.16 14.75 26.30
C ASN F 68 -6.95 15.53 25.70
N SER F 69 -5.80 14.86 25.56
CA SER F 69 -4.53 15.49 25.17
C SER F 69 -4.46 15.89 23.69
N GLY F 70 -5.41 15.45 22.89
CA GLY F 70 -5.51 15.83 21.48
C GLY F 70 -6.88 15.43 20.99
N PRO F 71 -7.23 15.84 19.75
CA PRO F 71 -8.50 15.48 19.13
C PRO F 71 -8.61 13.99 18.85
N VAL F 72 -9.84 13.55 18.70
CA VAL F 72 -10.19 12.18 18.50
C VAL F 72 -11.08 12.13 17.24
N VAL F 73 -10.98 11.04 16.49
CA VAL F 73 -11.99 10.79 15.46
C VAL F 73 -13.04 9.82 15.99
N ALA F 74 -14.28 10.30 16.06
CA ALA F 74 -15.42 9.52 16.52
C ALA F 74 -16.22 9.01 15.32
N MET F 75 -16.55 7.72 15.33
CA MET F 75 -17.26 7.10 14.22
C MET F 75 -18.29 6.06 14.65
N VAL F 76 -19.32 5.91 13.83
CA VAL F 76 -20.25 4.78 13.92
C VAL F 76 -20.20 3.97 12.62
N TRP F 77 -19.96 2.66 12.76
CA TRP F 77 -19.97 1.76 11.62
C TRP F 77 -21.07 0.73 11.76
N GLU F 78 -21.67 0.39 10.62
CA GLU F 78 -22.74 -0.63 10.50
C GLU F 78 -22.34 -1.92 9.75
N GLY F 79 -22.79 -3.04 10.30
CA GLY F 79 -22.81 -4.30 9.57
C GLY F 79 -23.08 -5.50 10.47
N LEU F 80 -23.20 -6.66 9.87
CA LEU F 80 -23.40 -7.91 10.61
C LEU F 80 -22.24 -8.19 11.57
N ASN F 81 -22.57 -8.32 12.86
CA ASN F 81 -21.61 -8.62 13.92
C ASN F 81 -20.49 -7.60 13.98
N VAL F 82 -20.79 -6.35 13.62
CA VAL F 82 -19.74 -5.33 13.56
C VAL F 82 -19.08 -5.07 14.92
N VAL F 83 -19.84 -5.17 16.01
CA VAL F 83 -19.26 -5.02 17.35
C VAL F 83 -18.13 -6.04 17.56
N LYS F 84 -18.47 -7.33 17.51
CA LYS F 84 -17.50 -8.43 17.73
C LYS F 84 -16.39 -8.36 16.70
N THR F 85 -16.75 -8.16 15.44
CA THR F 85 -15.76 -8.23 14.37
C THR F 85 -14.86 -6.99 14.39
N GLY F 86 -15.44 -5.83 14.65
CA GLY F 86 -14.65 -4.63 14.95
C GLY F 86 -13.58 -4.86 16.00
N ARG F 87 -13.95 -5.50 17.11
CA ARG F 87 -12.99 -5.84 18.15
C ARG F 87 -11.87 -6.75 17.63
N VAL F 88 -12.22 -7.76 16.83
CA VAL F 88 -11.22 -8.64 16.22
C VAL F 88 -10.21 -7.85 15.37
N MET F 89 -10.74 -6.94 14.56
CA MET F 89 -9.91 -6.02 13.76
C MET F 89 -8.94 -5.12 14.55
N LEU F 90 -9.38 -4.70 15.74
CA LEU F 90 -8.58 -3.79 16.58
C LEU F 90 -7.45 -4.59 17.21
N GLY F 91 -7.74 -5.83 17.58
CA GLY F 91 -6.78 -6.64 18.32
C GLY F 91 -7.23 -6.87 19.75
N GLU F 92 -6.27 -7.03 20.64
CA GLU F 92 -6.57 -7.16 22.06
C GLU F 92 -6.25 -5.81 22.70
N THR F 93 -6.83 -5.55 23.88
CA THR F 93 -6.62 -4.29 24.62
C THR F 93 -5.14 -3.90 24.68
N ASN F 94 -4.32 -4.90 25.02
CA ASN F 94 -2.89 -4.72 25.09
C ASN F 94 -2.31 -5.04 23.70
N PRO F 95 -1.69 -4.03 23.04
CA PRO F 95 -0.96 -4.34 21.79
C PRO F 95 0.04 -5.51 21.88
N ALA F 96 0.60 -5.81 23.05
CA ALA F 96 1.51 -6.95 23.20
C ALA F 96 0.85 -8.28 22.88
N ASP F 97 -0.47 -8.35 23.08
CA ASP F 97 -1.28 -9.55 22.84
C ASP F 97 -2.01 -9.51 21.48
N SER F 98 -1.82 -8.43 20.73
CA SER F 98 -2.53 -8.22 19.47
C SER F 98 -1.71 -8.77 18.31
N LYS F 99 -2.33 -9.53 17.41
CA LYS F 99 -1.54 -10.20 16.39
C LYS F 99 -1.25 -9.30 15.19
N PRO F 100 -0.13 -9.53 14.47
CA PRO F 100 0.08 -8.83 13.20
C PRO F 100 -1.12 -9.02 12.28
N GLY F 101 -1.51 -7.94 11.61
CA GLY F 101 -2.71 -7.86 10.78
C GLY F 101 -3.87 -7.12 11.44
N THR F 102 -3.85 -7.03 12.78
CA THR F 102 -4.78 -6.16 13.51
C THR F 102 -4.20 -4.74 13.65
N ILE F 103 -5.06 -3.77 13.93
CA ILE F 103 -4.67 -2.36 14.05
C ILE F 103 -3.63 -2.17 15.17
N ARG F 104 -3.90 -2.70 16.35
CA ARG F 104 -2.90 -2.56 17.43
C ARG F 104 -1.67 -3.43 17.21
N GLY F 105 -1.87 -4.63 16.62
CA GLY F 105 -0.80 -5.54 16.30
C GLY F 105 0.18 -4.86 15.34
N ASP F 106 -0.35 -4.13 14.38
CA ASP F 106 0.50 -3.51 13.35
C ASP F 106 1.15 -2.23 13.79
N PHE F 107 0.47 -1.50 14.66
CA PHE F 107 0.79 -0.07 14.86
C PHE F 107 1.25 0.36 16.24
N CYS F 108 0.90 -0.37 17.29
CA CYS F 108 1.33 0.12 18.61
C CYS F 108 1.90 -0.92 19.54
N ILE F 109 2.33 -0.46 20.70
CA ILE F 109 3.19 -1.23 21.60
C ILE F 109 2.66 -1.31 23.03
N GLN F 110 2.15 -0.21 23.57
CA GLN F 110 1.79 -0.10 24.99
C GLN F 110 0.29 0.10 25.25
N VAL F 111 -0.24 -0.48 26.33
CA VAL F 111 -1.70 -0.47 26.53
C VAL F 111 -2.24 0.98 26.73
N GLY F 112 -1.42 1.86 27.29
CA GLY F 112 -1.84 3.25 27.52
C GLY F 112 -1.79 4.13 26.30
N ARG F 113 -1.27 3.59 25.20
CA ARG F 113 -1.20 4.27 23.92
C ARG F 113 -1.56 3.24 22.84
N ASN F 114 -2.85 2.86 22.79
CA ASN F 114 -3.31 1.74 22.00
C ASN F 114 -4.24 2.17 20.87
N ILE F 115 -4.05 3.45 20.47
CA ILE F 115 -4.57 4.15 19.28
C ILE F 115 -6.06 4.16 18.95
N ILE F 116 -6.84 3.25 19.50
CA ILE F 116 -8.22 3.07 19.05
C ILE F 116 -9.12 2.49 20.13
N HIS F 117 -10.42 2.81 20.01
CA HIS F 117 -11.50 2.28 20.85
C HIS F 117 -12.56 1.61 19.99
N GLY F 118 -13.04 0.45 20.42
CA GLY F 118 -14.26 -0.14 19.87
C GLY F 118 -15.19 -0.62 20.97
N SER F 119 -16.50 -0.47 20.77
CA SER F 119 -17.52 -0.93 21.74
C SER F 119 -17.34 -2.42 21.97
N ASP F 120 -17.48 -2.87 23.22
CA ASP F 120 -17.27 -4.30 23.54
C ASP F 120 -18.58 -5.12 23.47
N SER F 121 -19.71 -4.44 23.31
CA SER F 121 -21.01 -5.12 23.16
C SER F 121 -22.00 -4.22 22.48
N VAL F 122 -23.10 -4.81 22.01
CA VAL F 122 -24.21 -4.06 21.40
C VAL F 122 -24.83 -3.04 22.37
N LYS F 123 -24.98 -3.42 23.65
CA LYS F 123 -25.52 -2.47 24.61
C LYS F 123 -24.57 -1.31 24.88
N SER F 124 -23.27 -1.61 24.99
CA SER F 124 -22.18 -0.62 25.08
C SER F 124 -22.21 0.29 23.85
N ALA F 125 -22.38 -0.32 22.68
CA ALA F 125 -22.37 0.42 21.42
C ALA F 125 -23.49 1.43 21.40
N GLU F 126 -24.70 1.02 21.77
CA GLU F 126 -25.83 1.96 21.74
C GLU F 126 -25.65 3.09 22.79
N LYS F 127 -25.05 2.80 23.94
CA LYS F 127 -24.75 3.82 24.96
C LYS F 127 -23.71 4.85 24.43
N GLU F 128 -22.63 4.31 23.87
CA GLU F 128 -21.57 5.14 23.35
C GLU F 128 -22.04 5.98 22.14
N ILE F 129 -22.85 5.40 21.26
CA ILE F 129 -23.39 6.13 20.11
C ILE F 129 -24.25 7.31 20.58
N SER F 130 -25.12 7.07 21.56
CA SER F 130 -25.94 8.13 22.18
C SER F 130 -25.12 9.22 22.85
N LEU F 131 -24.02 8.82 23.47
CA LEU F 131 -23.15 9.71 24.20
C LEU F 131 -22.41 10.67 23.26
N TRP F 132 -21.94 10.14 22.13
CA TRP F 132 -21.01 10.87 21.24
C TRP F 132 -21.66 11.59 20.08
N PHE F 133 -22.84 11.12 19.65
CA PHE F 133 -23.52 11.62 18.46
C PHE F 133 -24.94 12.04 18.79
N LYS F 134 -25.36 13.14 18.17
CA LYS F 134 -26.80 13.52 18.11
C LYS F 134 -27.44 12.58 17.07
N PRO F 135 -28.70 12.18 17.28
CA PRO F 135 -29.39 11.27 16.35
C PRO F 135 -29.30 11.65 14.87
N GLU F 136 -29.40 12.95 14.62
CA GLU F 136 -29.38 13.48 13.24
C GLU F 136 -28.03 13.29 12.54
N GLU F 137 -26.97 13.04 13.32
CA GLU F 137 -25.60 12.86 12.81
C GLU F 137 -25.33 11.46 12.28
N LEU F 138 -26.35 10.61 12.41
CA LEU F 138 -26.30 9.24 11.93
C LEU F 138 -26.98 9.19 10.55
N VAL F 139 -26.17 8.98 9.50
CA VAL F 139 -26.65 9.07 8.10
C VAL F 139 -27.15 7.72 7.56
N ASP F 140 -28.40 7.71 7.09
CA ASP F 140 -28.99 6.56 6.44
C ASP F 140 -28.79 6.64 4.94
N TYR F 141 -28.10 5.65 4.38
CA TYR F 141 -27.93 5.49 2.95
C TYR F 141 -27.60 4.02 2.71
N LYS F 142 -27.69 3.58 1.46
CA LYS F 142 -27.28 2.21 1.11
C LYS F 142 -25.92 2.16 0.42
N SER F 143 -25.09 1.23 0.89
CA SER F 143 -23.76 1.03 0.34
C SER F 143 -23.84 0.33 -1.01
N CYS F 144 -23.25 1.00 -2.00
N CYS F 144 -23.19 0.94 -2.01
CA CYS F 144 -22.93 0.47 -3.33
CA CYS F 144 -23.07 0.38 -3.37
C CYS F 144 -22.72 -1.05 -3.36
C CYS F 144 -22.77 -1.12 -3.35
N ALA F 145 -21.83 -1.53 -2.50
CA ALA F 145 -21.36 -2.91 -2.50
C ALA F 145 -22.19 -3.86 -1.66
N HIS F 146 -23.28 -3.37 -1.07
CA HIS F 146 -24.03 -4.15 -0.08
C HIS F 146 -24.36 -5.55 -0.57
N ASP F 147 -24.93 -5.63 -1.76
CA ASP F 147 -25.37 -6.91 -2.33
C ASP F 147 -24.23 -7.84 -2.80
N TRP F 148 -23.00 -7.31 -2.85
CA TRP F 148 -21.81 -8.08 -3.14
C TRP F 148 -21.10 -8.46 -1.83
N VAL F 149 -21.53 -7.87 -0.71
CA VAL F 149 -21.06 -8.25 0.63
C VAL F 149 -22.08 -9.14 1.42
N TYR F 150 -23.37 -9.02 1.10
CA TYR F 150 -24.42 -9.76 1.77
C TYR F 150 -25.29 -10.53 0.79
N GLU F 151 -25.56 -11.79 1.11
CA GLU F 151 -26.56 -12.56 0.38
C GLU F 151 -27.95 -12.04 0.74
PB GDP G . 4.83 1.54 -27.49
O1B GDP G . 3.49 1.55 -28.25
O2B GDP G . 4.90 2.67 -26.44
O3B GDP G . 5.09 0.28 -26.74
O3A GDP G . 6.03 1.89 -28.53
PA GDP G . 6.46 1.18 -29.91
O1A GDP G . 5.31 0.50 -30.58
O2A GDP G . 7.12 2.22 -30.76
O5' GDP G . 7.51 0.01 -29.53
C5' GDP G . 6.94 -1.20 -29.09
C4' GDP G . 7.86 -1.87 -28.11
O4' GDP G . 9.10 -2.18 -28.72
C3' GDP G . 8.19 -1.00 -26.89
O3' GDP G . 7.08 -0.95 -26.00
C2' GDP G . 9.41 -1.75 -26.40
O2' GDP G . 9.01 -2.94 -25.71
C1' GDP G . 10.10 -2.13 -27.70
N9 GDP G . 11.08 -1.13 -28.10
C8 GDP G . 10.84 0.10 -28.61
N7 GDP G . 12.01 0.75 -28.84
C5 GDP G . 13.02 -0.10 -28.48
C6 GDP G . 14.50 -0.12 -28.48
O6 GDP G . 15.18 0.85 -28.85
N1 GDP G . 15.10 -1.23 -28.04
C2 GDP G . 14.47 -2.31 -27.60
N2 GDP G . 15.22 -3.37 -27.19
N3 GDP G . 13.12 -2.42 -27.57
C4 GDP G . 12.39 -1.34 -28.00
MG MG H . 3.57 0.52 -31.66
PB GDP I . 19.03 19.72 -3.88
O1B GDP I . 20.29 19.22 -4.52
O2B GDP I . 17.78 19.65 -4.73
O3B GDP I . 18.81 19.07 -2.55
O3A GDP I . 19.18 21.34 -3.64
PA GDP I . 20.47 22.25 -3.24
O1A GDP I . 21.82 21.60 -3.46
O2A GDP I . 20.33 23.56 -4.00
O5' GDP I . 20.19 22.52 -1.70
C5' GDP I . 20.54 21.49 -0.80
C4' GDP I . 19.53 21.45 0.30
O4' GDP I . 19.57 22.68 1.01
C3' GDP I . 18.08 21.30 -0.15
O3' GDP I . 17.81 19.95 -0.51
C2' GDP I . 17.39 21.79 1.09
O2' GDP I . 17.41 20.78 2.14
C1' GDP I . 18.28 22.96 1.51
N9 GDP I . 17.80 24.25 0.97
C8 GDP I . 17.82 24.74 -0.28
N7 GDP I . 17.27 25.98 -0.31
C5 GDP I . 16.83 26.24 0.94
C6 GDP I . 16.18 27.37 1.65
O6 GDP I . 15.87 28.35 0.97
N1 GDP I . 15.93 27.29 2.98
C2 GDP I . 16.30 26.21 3.68
N2 GDP I . 16.06 26.14 5.01
N3 GDP I . 16.94 25.14 3.12
C4 GDP I . 17.21 25.13 1.78
MG MG J . 23.51 20.82 -4.43
S1 DTT K . 13.13 -6.61 -6.34
S1 DTT K . 7.62 -11.84 -7.54
C1 DTT K . 12.61 -8.28 -6.86
C1 DTT K . 9.20 -10.97 -7.48
C2 DTT K . 13.70 -9.18 -7.46
C2 DTT K . 10.08 -11.52 -8.59
O2 DTT K . 14.58 -8.41 -8.25
O2 DTT K . 9.96 -12.91 -8.60
C3 DTT K . 13.08 -10.30 -8.29
C3 DTT K . 11.56 -11.16 -8.47
O3 DTT K . 12.23 -9.67 -9.23
O3 DTT K . 12.06 -11.65 -7.24
C4 DTT K . 14.08 -11.21 -9.04
C4 DTT K . 12.33 -11.73 -9.67
S4 DTT K . 14.69 -12.68 -8.18
S4 DTT K . 14.07 -12.06 -9.34
PB GDP L . -13.27 22.47 -9.24
O1B GDP L . -12.77 23.62 -8.48
O2B GDP L . -12.15 21.66 -9.85
O3B GDP L . -13.99 21.43 -8.45
O3A GDP L . -14.17 22.87 -10.53
PA GDP L . -15.47 23.85 -10.60
O1A GDP L . -15.70 24.58 -9.30
O2A GDP L . -15.27 24.54 -11.90
O5' GDP L . -16.68 22.77 -10.79
C5' GDP L . -17.20 22.18 -9.60
C4' GDP L . -17.55 20.73 -9.81
O4' GDP L . -18.62 20.64 -10.77
C3' GDP L . -16.40 19.91 -10.41
O3' GDP L . -15.40 19.50 -9.47
C2' GDP L . -17.18 18.76 -11.02
O2' GDP L . -17.63 17.81 -10.05
C1' GDP L . -18.41 19.49 -11.54
N9 GDP L . -18.24 19.83 -12.96
C8 GDP L . -17.40 20.72 -13.55
N7 GDP L . -17.55 20.69 -14.89
C5 GDP L . -18.50 19.78 -15.15
C6 GDP L . -19.18 19.26 -16.36
O6 GDP L . -18.84 19.70 -17.49
N1 GDP L . -20.12 18.34 -16.17
C2 GDP L . -20.47 17.89 -14.97
N2 GDP L . -21.42 16.93 -14.85
N3 GDP L . -19.91 18.28 -13.81
C4 GDP L . -18.95 19.23 -13.88
MG MG M . -15.35 26.21 -8.17
PB GDP N . -14.59 -23.87 1.05
O1B GDP N . -13.83 -25.00 0.37
O2B GDP N . -13.80 -23.40 2.26
O3B GDP N . -14.90 -22.76 0.12
O3A GDP N . -15.98 -24.37 1.69
PA GDP N . -17.00 -25.45 1.07
O1A GDP N . -16.36 -26.38 0.08
O2A GDP N . -17.52 -26.19 2.25
O5' GDP N . -18.18 -24.61 0.40
C5' GDP N . -18.01 -24.01 -0.86
C4' GDP N . -18.57 -22.62 -0.83
O4' GDP N . -19.97 -22.72 -0.61
C3' GDP N . -18.01 -21.69 0.24
O3' GDP N . -16.71 -21.15 -0.10
C2' GDP N . -19.13 -20.67 0.29
O2' GDP N . -19.00 -19.76 -0.81
C1' GDP N . -20.36 -21.56 0.06
N9 GDP N . -20.96 -21.96 1.34
C8 GDP N . -20.55 -22.87 2.25
N7 GDP N . -21.39 -22.89 3.32
C5 GDP N . -22.34 -21.96 3.04
C6 GDP N . -23.55 -21.43 3.68
O6 GDP N . -23.88 -21.87 4.80
N1 GDP N . -24.24 -20.44 3.07
C2 GDP N . -23.91 -19.97 1.87
N2 GDP N . -24.70 -19.00 1.35
N3 GDP N . -22.83 -20.39 1.21
C4 GDP N . -22.05 -21.36 1.75
MG MG O . -15.37 -27.90 -0.98
PB GDP P . 15.22 -18.86 14.03
O1B GDP P . 15.89 -18.35 15.29
O2B GDP P . 13.73 -18.77 14.11
O3B GDP P . 15.71 -18.08 12.83
O3A GDP P . 15.54 -20.43 13.79
PA GDP P . 16.89 -21.25 14.24
O1A GDP P . 17.76 -20.46 15.17
O2A GDP P . 16.37 -22.50 14.92
O5' GDP P . 17.70 -21.46 12.87
C5' GDP P . 18.36 -20.32 12.37
C4' GDP P . 18.14 -20.32 10.89
O4' GDP P . 18.60 -21.57 10.40
C3' GDP P . 16.66 -20.21 10.48
O3' GDP P . 16.18 -18.86 10.53
C2' GDP P . 16.73 -20.83 9.11
O2' GDP P . 17.14 -19.88 8.11
C1' GDP P . 17.79 -21.92 9.30
N9 GDP P . 17.13 -23.20 9.58
C8 GDP P . 16.48 -23.63 10.68
N7 GDP P . 16.01 -24.89 10.49
C5 GDP P . 16.38 -25.28 9.25
C6 GDP P . 16.24 -26.48 8.37
O6 GDP P . 15.63 -27.50 8.75
N1 GDP P . 16.77 -26.43 7.16
C2 GDP P . 17.43 -25.35 6.72
N2 GDP P . 17.96 -25.37 5.49
N3 GDP P . 17.61 -24.22 7.43
C4 GDP P . 17.10 -24.16 8.67
MG MG Q . 18.88 -19.42 16.93
PB GDP R . -10.80 -2.07 25.73
O1B GDP R . -12.30 -2.16 25.77
O2B GDP R . -10.19 -3.24 24.98
O3B GDP R . -10.38 -0.77 25.07
O3A GDP R . -10.15 -2.11 27.22
PA GDP R . -10.88 -1.63 28.59
O1A GDP R . -12.34 -1.31 28.37
O2A GDP R . -10.65 -2.71 29.64
O5' GDP R . -10.09 -0.29 28.96
C5' GDP R . -10.38 0.87 28.19
C4' GDP R . -9.08 1.56 27.84
O4' GDP R . -8.37 1.92 29.03
C3' GDP R . -8.13 0.69 27.02
O3' GDP R . -8.45 0.62 25.63
C2' GDP R . -6.82 1.36 27.34
O2' GDP R . -6.64 2.55 26.56
C1' GDP R . -6.98 1.76 28.80
N9 GDP R . -6.40 0.74 29.73
C8 GDP R . -6.89 -0.47 30.06
N7 GDP R . -6.06 -1.09 30.94
C5 GDP R . -5.04 -0.25 31.19
C6 GDP R . -3.81 -0.25 32.03
O6 GDP R . -3.53 -1.25 32.75
N1 GDP R . -3.02 0.82 31.96
C2 GDP R . -3.32 1.89 31.20
N2 GDP R . -2.51 2.95 31.16
N3 GDP R . -4.41 1.97 30.42
C4 GDP R . -5.29 0.94 30.40
MG MG S . -14.35 -0.91 28.51
S1 DTT T . 7.08 6.24 12.79
S1 DTT T . 1.02 12.05 11.78
C1 DTT T . 5.93 7.55 13.30
C1 DTT T . 2.64 11.34 12.13
C2 DTT T . 6.49 8.93 12.99
C2 DTT T . 3.50 12.41 12.75
O2 DTT T . 7.77 8.95 13.58
O2 DTT T . 3.88 13.29 11.72
C3 DTT T . 5.64 10.11 13.47
C3 DTT T . 4.70 11.78 13.42
O3 DTT T . 4.49 9.63 14.12
O3 DTT T . 5.80 11.80 12.52
C4 DTT T . 6.41 11.07 14.40
C4 DTT T . 5.02 12.51 14.72
S4 DTT T . 5.36 12.37 15.09
S4 DTT T . 6.72 12.20 15.23
#